data_4G81
#
_entry.id   4G81
#
_cell.length_a   73.650
_cell.length_b   94.197
_cell.length_c   129.356
_cell.angle_alpha   90.000
_cell.angle_beta   90.000
_cell.angle_gamma   90.000
#
_symmetry.space_group_name_H-M   'P 2 21 21'
#
loop_
_entity.id
_entity.type
_entity.pdbx_description
1 polymer 'Putative hexonate dehydrogenase'
2 non-polymer 1,2-ETHANEDIOL
3 non-polymer 'CHLORIDE ION'
4 non-polymer GLYCEROL
5 water water
#
_entity_poly.entity_id   1
_entity_poly.type   'polypeptide(L)'
_entity_poly.pdbx_seq_one_letter_code
;MTALFDLTGKTALVTGSARGLGFAYAEGLAAAGARVILNDIRATLLAESVDTLTRKGYDAHGVAFDVTDELAIEAAFSKL
DAEGIHVDILINNAGIQYRKPMVELELENWQKVIDTNLTSAFLVSRSAAKRMIARNSGGKIINIGSLTSQAARPTVAPYT
AAKGGIKMLTCSMAAEWAQFNIQTNAIGPGYILTDMNTALIEDKQFDSWVKSSTPSQRWGRPEELIGTAIFLSSKASDYI
NGQIIYVDGGWLAVL
;
_entity_poly.pdbx_strand_id   D,A,B,C
#
loop_
_chem_comp.id
_chem_comp.type
_chem_comp.name
_chem_comp.formula
CL non-polymer 'CHLORIDE ION' 'Cl -1'
EDO non-polymer 1,2-ETHANEDIOL 'C2 H6 O2'
GOL non-polymer GLYCEROL 'C3 H8 O3'
#
# COMPACT_ATOMS: atom_id res chain seq x y z
N ALA A 3 29.72 -11.54 12.01
CA ALA A 3 28.45 -11.43 12.74
C ALA A 3 27.34 -10.86 11.86
N LEU A 4 26.12 -10.90 12.38
CA LEU A 4 24.94 -10.53 11.61
C LEU A 4 24.98 -9.13 11.00
N PHE A 5 25.46 -8.16 11.76
CA PHE A 5 25.39 -6.77 11.28
C PHE A 5 26.76 -6.19 10.99
N ASP A 6 27.78 -7.04 10.92
CA ASP A 6 29.16 -6.60 10.68
C ASP A 6 29.41 -6.38 9.18
N LEU A 7 29.99 -5.24 8.83
CA LEU A 7 30.23 -4.93 7.41
C LEU A 7 31.70 -5.01 7.04
N THR A 8 32.52 -5.53 7.95
CA THR A 8 33.93 -5.74 7.69
C THR A 8 34.12 -6.59 6.43
N GLY A 9 34.96 -6.12 5.53
CA GLY A 9 35.22 -6.84 4.30
C GLY A 9 34.37 -6.35 3.15
N LYS A 10 33.40 -5.47 3.44
CA LYS A 10 32.52 -4.92 2.42
C LYS A 10 32.89 -3.48 2.10
N THR A 11 32.71 -3.11 0.84
CA THR A 11 32.99 -1.74 0.41
C THR A 11 31.69 -1.16 -0.11
N ALA A 12 31.40 0.06 0.33
CA ALA A 12 30.15 0.72 0.07
C ALA A 12 30.39 1.99 -0.72
N LEU A 13 29.50 2.29 -1.65
CA LEU A 13 29.54 3.56 -2.37
C LEU A 13 28.23 4.27 -2.03
N VAL A 14 28.31 5.49 -1.51
CA VAL A 14 27.12 6.28 -1.22
C VAL A 14 27.13 7.52 -2.08
N THR A 15 26.14 7.68 -2.96
CA THR A 15 26.09 8.86 -3.81
C THR A 15 25.52 10.07 -3.06
N GLY A 16 25.94 11.26 -3.48
CA GLY A 16 25.54 12.50 -2.82
C GLY A 16 25.76 12.46 -1.32
N SER A 17 26.96 12.11 -0.89
CA SER A 17 27.21 11.90 0.53
C SER A 17 28.21 12.89 1.11
N ALA A 18 28.43 13.99 0.42
CA ALA A 18 29.33 15.03 0.94
C ALA A 18 28.80 15.59 2.25
N ARG A 19 27.47 15.74 2.33
CA ARG A 19 26.83 16.11 3.61
C ARG A 19 25.41 15.58 3.72
N GLY A 20 24.67 16.09 4.71
CA GLY A 20 23.30 15.66 4.94
C GLY A 20 23.18 14.18 5.27
N LEU A 21 22.04 13.59 4.91
CA LEU A 21 21.78 12.16 5.15
C LEU A 21 22.81 11.24 4.52
N GLY A 22 23.24 11.56 3.29
CA GLY A 22 24.21 10.73 2.60
C GLY A 22 25.49 10.57 3.40
N PHE A 23 25.98 11.68 3.94
CA PHE A 23 27.16 11.65 4.79
C PHE A 23 26.94 10.78 6.01
N ALA A 24 25.73 10.84 6.57
CA ALA A 24 25.44 10.06 7.77
C ALA A 24 25.38 8.56 7.48
N TYR A 25 24.85 8.19 6.32
CA TYR A 25 24.90 6.79 5.89
C TYR A 25 26.34 6.32 5.77
N ALA A 26 27.18 7.14 5.13
CA ALA A 26 28.58 6.76 4.93
C ALA A 26 29.29 6.55 6.26
N GLU A 27 29.06 7.46 7.21
CA GLU A 27 29.71 7.33 8.50
C GLU A 27 29.18 6.11 9.26
N GLY A 28 27.88 5.86 9.13
CA GLY A 28 27.27 4.73 9.79
C GLY A 28 27.79 3.41 9.27
N LEU A 29 27.85 3.27 7.95
CA LEU A 29 28.39 2.06 7.35
C LEU A 29 29.85 1.84 7.77
N ALA A 30 30.62 2.92 7.84
CA ALA A 30 32.03 2.82 8.20
C ALA A 30 32.17 2.31 9.63
N ALA A 31 31.33 2.85 10.51
CA ALA A 31 31.32 2.44 11.91
C ALA A 31 30.97 0.96 12.06
N ALA A 32 30.18 0.45 11.14
CA ALA A 32 29.80 -0.96 11.16
C ALA A 32 30.91 -1.81 10.55
N GLY A 33 31.95 -1.16 10.06
CA GLY A 33 33.12 -1.87 9.56
C GLY A 33 33.36 -1.78 8.06
N ALA A 34 32.45 -1.14 7.33
CA ALA A 34 32.61 -1.02 5.88
C ALA A 34 33.72 -0.04 5.48
N ARG A 35 34.39 -0.34 4.37
CA ARG A 35 35.20 0.68 3.71
C ARG A 35 34.18 1.51 2.96
N VAL A 36 34.26 2.84 3.03
CA VAL A 36 33.26 3.68 2.39
C VAL A 36 33.84 4.58 1.30
N ILE A 37 33.11 4.69 0.20
CA ILE A 37 33.49 5.59 -0.87
C ILE A 37 32.39 6.62 -0.96
N LEU A 38 32.75 7.87 -0.70
CA LEU A 38 31.78 8.96 -0.80
C LEU A 38 31.80 9.54 -2.20
N ASN A 39 30.65 9.99 -2.65
CA ASN A 39 30.56 10.59 -3.96
C ASN A 39 29.74 11.86 -3.87
N ASP A 40 30.15 12.88 -4.60
CA ASP A 40 29.35 14.05 -4.77
C ASP A 40 29.80 14.66 -6.08
N ILE A 41 29.08 15.68 -6.53
CA ILE A 41 29.43 16.38 -7.75
C ILE A 41 30.39 17.52 -7.40
N ARG A 42 30.27 18.01 -6.16
CA ARG A 42 31.16 19.05 -5.66
C ARG A 42 32.44 18.42 -5.14
N ALA A 43 33.51 18.53 -5.92
CA ALA A 43 34.75 17.81 -5.61
C ALA A 43 35.49 18.34 -4.38
N THR A 44 35.52 19.66 -4.22
CA THR A 44 36.23 20.26 -3.10
C THR A 44 35.52 19.94 -1.78
N LEU A 45 34.19 20.03 -1.79
CA LEU A 45 33.38 19.68 -0.63
C LEU A 45 33.56 18.21 -0.28
N LEU A 46 33.56 17.37 -1.31
CA LEU A 46 33.74 15.92 -1.14
C LEU A 46 35.05 15.60 -0.42
N ALA A 47 36.15 16.17 -0.90
CA ALA A 47 37.45 15.93 -0.30
C ALA A 47 37.46 16.34 1.18
N GLU A 48 36.78 17.44 1.49
CA GLU A 48 36.71 17.91 2.87
C GLU A 48 35.97 16.90 3.75
N SER A 49 34.87 16.36 3.22
CA SER A 49 34.08 15.36 3.94
C SER A 49 34.84 14.06 4.12
N VAL A 50 35.59 13.67 3.11
CA VAL A 50 36.40 12.46 3.17
C VAL A 50 37.48 12.67 4.23
N ASP A 51 38.10 13.85 4.20
CA ASP A 51 39.12 14.21 5.18
C ASP A 51 38.56 14.08 6.60
N THR A 52 37.35 14.60 6.81
CA THR A 52 36.70 14.57 8.13
C THR A 52 36.57 13.14 8.64
N LEU A 53 36.05 12.26 7.80
CA LEU A 53 35.88 10.85 8.17
C LEU A 53 37.20 10.14 8.45
N THR A 54 38.22 10.39 7.61
CA THR A 54 39.53 9.78 7.83
C THR A 54 40.10 10.18 9.19
N ARG A 55 39.80 11.41 9.61
CA ARG A 55 40.33 11.92 10.88
C ARG A 55 39.60 11.35 12.10
N LYS A 56 38.42 10.77 11.88
CA LYS A 56 37.73 10.07 12.96
C LYS A 56 38.20 8.61 13.02
N GLY A 57 39.03 8.22 12.05
CA GLY A 57 39.61 6.90 12.03
C GLY A 57 38.91 5.94 11.09
N TYR A 58 38.13 6.48 10.15
CA TYR A 58 37.39 5.65 9.19
C TYR A 58 38.12 5.43 7.89
N ASP A 59 37.84 4.30 7.27
CA ASP A 59 38.47 3.93 6.02
C ASP A 59 37.64 4.54 4.90
N ALA A 60 37.88 5.82 4.62
CA ALA A 60 37.01 6.58 3.73
C ALA A 60 37.74 7.12 2.51
N HIS A 61 37.03 7.19 1.38
CA HIS A 61 37.61 7.67 0.14
C HIS A 61 36.52 8.41 -0.60
N GLY A 62 36.91 9.23 -1.58
CA GLY A 62 35.94 9.97 -2.36
C GLY A 62 36.14 9.83 -3.85
N VAL A 63 35.05 9.71 -4.59
CA VAL A 63 35.13 9.74 -6.05
C VAL A 63 34.05 10.69 -6.56
N ALA A 64 34.45 11.75 -7.25
CA ALA A 64 33.50 12.77 -7.67
C ALA A 64 33.02 12.49 -9.09
N PHE A 65 31.70 12.42 -9.27
CA PHE A 65 31.11 12.25 -10.58
C PHE A 65 29.64 12.64 -10.59
N ASP A 66 29.15 13.06 -11.76
CA ASP A 66 27.76 13.41 -11.95
C ASP A 66 26.91 12.14 -12.10
N VAL A 67 25.95 11.93 -11.20
CA VAL A 67 25.18 10.69 -11.22
C VAL A 67 24.15 10.63 -12.35
N THR A 68 24.04 11.70 -13.13
CA THR A 68 23.15 11.70 -14.28
C THR A 68 23.89 11.46 -15.60
N ASP A 69 25.21 11.32 -15.51
CA ASP A 69 26.10 11.18 -16.68
C ASP A 69 26.68 9.77 -16.75
N GLU A 70 26.08 8.92 -17.60
CA GLU A 70 26.46 7.51 -17.64
C GLU A 70 27.92 7.32 -18.04
N LEU A 71 28.42 8.20 -18.89
CA LEU A 71 29.84 8.16 -19.24
C LEU A 71 30.72 8.43 -18.04
N ALA A 72 30.30 9.39 -17.20
CA ALA A 72 31.04 9.72 -15.98
C ALA A 72 30.98 8.58 -14.97
N ILE A 73 29.83 7.93 -14.89
CA ILE A 73 29.65 6.82 -13.97
C ILE A 73 30.53 5.64 -14.37
N GLU A 74 30.46 5.23 -15.64
CA GLU A 74 31.29 4.11 -16.11
C GLU A 74 32.77 4.41 -15.97
N ALA A 75 33.16 5.67 -16.13
CA ALA A 75 34.56 6.06 -15.95
C ALA A 75 34.96 5.91 -14.49
N ALA A 76 34.06 6.29 -13.59
CA ALA A 76 34.31 6.18 -12.16
C ALA A 76 34.44 4.72 -11.74
N PHE A 77 33.52 3.89 -12.19
CA PHE A 77 33.56 2.46 -11.86
C PHE A 77 34.79 1.76 -12.48
N SER A 78 35.17 2.15 -13.70
CA SER A 78 36.35 1.58 -14.36
C SER A 78 37.63 1.87 -13.57
N LYS A 79 37.71 3.09 -13.06
CA LYS A 79 38.83 3.48 -12.20
C LYS A 79 38.85 2.60 -10.95
N LEU A 80 37.69 2.42 -10.33
CA LEU A 80 37.59 1.57 -9.13
C LEU A 80 38.02 0.14 -9.46
N ASP A 81 37.57 -0.36 -10.60
CA ASP A 81 37.98 -1.67 -11.12
C ASP A 81 39.50 -1.80 -11.21
N ALA A 82 40.12 -0.79 -11.81
CA ALA A 82 41.56 -0.79 -12.03
C ALA A 82 42.34 -0.82 -10.72
N GLU A 83 41.67 -0.44 -9.63
CA GLU A 83 42.32 -0.38 -8.32
C GLU A 83 41.95 -1.59 -7.46
N GLY A 84 41.21 -2.52 -8.05
CA GLY A 84 40.84 -3.74 -7.35
C GLY A 84 39.76 -3.51 -6.31
N ILE A 85 39.03 -2.41 -6.47
CA ILE A 85 37.97 -2.08 -5.52
C ILE A 85 36.62 -2.61 -5.99
N HIS A 86 36.01 -3.47 -5.17
CA HIS A 86 34.70 -4.05 -5.46
C HIS A 86 33.61 -3.34 -4.65
N VAL A 87 32.61 -2.80 -5.33
CA VAL A 87 31.50 -2.16 -4.63
C VAL A 87 30.43 -3.21 -4.30
N ASP A 88 30.35 -3.55 -3.01
CA ASP A 88 29.44 -4.58 -2.52
C ASP A 88 28.12 -4.00 -2.05
N ILE A 89 28.17 -2.73 -1.66
CA ILE A 89 26.99 -2.01 -1.17
C ILE A 89 26.88 -0.68 -1.90
N LEU A 90 25.70 -0.39 -2.42
CA LEU A 90 25.47 0.88 -3.09
C LEU A 90 24.30 1.55 -2.40
N ILE A 91 24.47 2.79 -1.97
CA ILE A 91 23.33 3.58 -1.49
C ILE A 91 23.13 4.72 -2.47
N ASN A 92 21.97 4.75 -3.13
CA ASN A 92 21.67 5.79 -4.11
C ASN A 92 20.98 6.97 -3.43
N ASN A 93 21.77 7.85 -2.83
CA ASN A 93 21.21 8.95 -2.04
C ASN A 93 21.14 10.25 -2.83
N ALA A 94 21.75 10.26 -4.01
CA ALA A 94 21.84 11.50 -4.78
C ALA A 94 20.46 11.90 -5.25
N GLY A 95 20.23 13.20 -5.35
CA GLY A 95 18.98 13.74 -5.87
C GLY A 95 18.80 15.15 -5.34
N ILE A 96 18.18 16.03 -6.12
CA ILE A 96 17.90 17.37 -5.63
C ILE A 96 16.41 17.57 -5.33
N GLN A 97 16.13 18.65 -4.60
CA GLN A 97 14.75 19.07 -4.31
C GLN A 97 14.47 20.38 -5.05
N TYR A 98 13.22 20.59 -5.46
CA TYR A 98 12.85 21.87 -6.05
C TYR A 98 11.40 22.20 -5.67
N ARG A 99 11.23 23.31 -4.96
CA ARG A 99 9.91 23.66 -4.45
C ARG A 99 9.20 24.67 -5.34
N LYS A 100 8.12 24.25 -5.98
CA LYS A 100 7.37 25.11 -6.89
C LYS A 100 6.04 24.44 -7.24
N PRO A 101 4.93 25.19 -7.17
CA PRO A 101 3.65 24.60 -7.61
C PRO A 101 3.72 24.19 -9.09
N MET A 102 3.06 23.07 -9.44
CA MET A 102 3.10 22.54 -10.81
C MET A 102 2.71 23.54 -11.89
N VAL A 103 1.74 24.40 -11.61
CA VAL A 103 1.32 25.34 -12.65
C VAL A 103 2.37 26.41 -12.91
N GLU A 104 3.32 26.57 -11.98
CA GLU A 104 4.39 27.55 -12.13
C GLU A 104 5.72 26.87 -12.42
N LEU A 105 5.70 25.55 -12.55
CA LEU A 105 6.93 24.76 -12.64
C LEU A 105 7.46 24.64 -14.07
N GLU A 106 8.69 25.10 -14.28
CA GLU A 106 9.31 24.98 -15.60
C GLU A 106 9.78 23.56 -15.89
N LEU A 107 9.66 23.13 -17.14
CA LEU A 107 10.02 21.77 -17.53
C LEU A 107 11.47 21.42 -17.19
N GLU A 108 12.39 22.37 -17.35
CA GLU A 108 13.80 22.10 -17.07
C GLU A 108 13.98 21.71 -15.60
N ASN A 109 13.19 22.30 -14.73
CA ASN A 109 13.30 22.00 -13.31
C ASN A 109 12.62 20.68 -12.93
N TRP A 110 11.45 20.43 -13.55
CA TRP A 110 10.82 19.12 -13.42
C TRP A 110 11.86 18.06 -13.80
N GLN A 111 12.48 18.26 -14.95
CA GLN A 111 13.38 17.28 -15.53
C GLN A 111 14.63 17.06 -14.68
N LYS A 112 15.15 18.15 -14.11
CA LYS A 112 16.34 18.07 -13.28
C LYS A 112 16.06 17.25 -12.02
N VAL A 113 14.87 17.39 -11.45
CA VAL A 113 14.50 16.60 -10.28
C VAL A 113 14.34 15.11 -10.63
N ILE A 114 13.68 14.81 -11.74
CA ILE A 114 13.51 13.42 -12.15
C ILE A 114 14.85 12.78 -12.48
N ASP A 115 15.69 13.49 -13.23
CA ASP A 115 16.97 12.94 -13.62
C ASP A 115 17.88 12.67 -12.43
N THR A 116 18.00 13.64 -11.51
CA THR A 116 18.91 13.48 -10.38
C THR A 116 18.41 12.51 -9.32
N ASN A 117 17.08 12.34 -9.24
CA ASN A 117 16.51 11.41 -8.27
C ASN A 117 16.27 10.01 -8.79
N LEU A 118 15.66 9.91 -9.96
CA LEU A 118 15.16 8.63 -10.45
C LEU A 118 16.11 7.97 -11.46
N THR A 119 16.53 8.71 -12.48
CA THR A 119 17.41 8.13 -13.51
C THR A 119 18.79 7.82 -12.94
N SER A 120 19.22 8.65 -11.99
CA SER A 120 20.49 8.47 -11.35
C SER A 120 20.56 7.11 -10.66
N ALA A 121 19.46 6.70 -10.04
CA ALA A 121 19.46 5.43 -9.31
C ALA A 121 19.55 4.26 -10.29
N PHE A 122 18.90 4.41 -11.45
CA PHE A 122 19.01 3.41 -12.50
C PHE A 122 20.43 3.27 -13.02
N LEU A 123 21.05 4.40 -13.36
CA LEU A 123 22.38 4.40 -13.98
C LEU A 123 23.47 3.89 -13.06
N VAL A 124 23.48 4.35 -11.81
CA VAL A 124 24.54 3.93 -10.90
C VAL A 124 24.39 2.45 -10.54
N SER A 125 23.15 2.03 -10.31
CA SER A 125 22.83 0.64 -10.01
C SER A 125 23.17 -0.29 -11.14
N ARG A 126 22.90 0.13 -12.37
CA ARG A 126 23.22 -0.68 -13.54
C ARG A 126 24.70 -1.03 -13.54
N SER A 127 25.55 -0.01 -13.37
CA SER A 127 26.98 -0.25 -13.35
C SER A 127 27.40 -1.10 -12.16
N ALA A 128 26.80 -0.85 -10.99
CA ALA A 128 27.17 -1.59 -9.78
C ALA A 128 26.70 -3.04 -9.88
N ALA A 129 25.45 -3.24 -10.31
CA ALA A 129 24.89 -4.57 -10.41
C ALA A 129 25.61 -5.45 -11.42
N LYS A 130 26.02 -4.86 -12.55
CA LYS A 130 26.73 -5.62 -13.58
C LYS A 130 27.97 -6.27 -12.98
N ARG A 131 28.63 -5.54 -12.10
CA ARG A 131 29.87 -6.02 -11.51
C ARG A 131 29.59 -7.02 -10.38
N MET A 132 28.57 -6.77 -9.57
CA MET A 132 28.17 -7.75 -8.54
C MET A 132 27.80 -9.10 -9.19
N ILE A 133 27.03 -9.06 -10.27
CA ILE A 133 26.65 -10.27 -10.99
C ILE A 133 27.85 -11.02 -11.57
N ALA A 134 28.77 -10.29 -12.21
CA ALA A 134 29.95 -10.90 -12.82
C ALA A 134 30.86 -11.55 -11.78
N ARG A 135 30.88 -10.97 -10.58
CA ARG A 135 31.71 -11.53 -9.51
C ARG A 135 31.00 -12.72 -8.87
N ASN A 136 29.67 -12.72 -8.95
CA ASN A 136 28.83 -13.62 -8.16
C ASN A 136 29.21 -13.45 -6.68
N SER A 137 29.45 -12.20 -6.30
CA SER A 137 29.80 -11.80 -4.95
C SER A 137 28.56 -11.55 -4.09
N GLY A 138 27.40 -11.48 -4.73
CA GLY A 138 26.22 -10.98 -4.05
C GLY A 138 26.33 -9.46 -4.01
N GLY A 139 25.38 -8.80 -3.37
CA GLY A 139 25.46 -7.36 -3.27
C GLY A 139 24.26 -6.77 -2.57
N LYS A 140 24.36 -5.50 -2.18
CA LYS A 140 23.26 -4.80 -1.53
C LYS A 140 23.09 -3.45 -2.22
N ILE A 141 21.87 -3.14 -2.62
CA ILE A 141 21.57 -1.84 -3.18
C ILE A 141 20.46 -1.22 -2.35
N ILE A 142 20.69 -0.01 -1.87
CA ILE A 142 19.66 0.68 -1.12
C ILE A 142 19.30 1.98 -1.84
N ASN A 143 18.05 2.08 -2.27
CA ASN A 143 17.57 3.30 -2.90
C ASN A 143 17.00 4.21 -1.80
N ILE A 144 16.98 5.51 -2.04
CA ILE A 144 16.45 6.43 -1.04
C ILE A 144 15.12 6.97 -1.54
N GLY A 145 14.03 6.58 -0.90
CA GLY A 145 12.73 7.15 -1.21
C GLY A 145 12.48 8.34 -0.29
N SER A 146 11.27 8.42 0.27
CA SER A 146 10.84 9.57 1.07
C SER A 146 9.44 9.24 1.55
N LEU A 147 8.90 10.00 2.50
CA LEU A 147 7.49 9.79 2.83
C LEU A 147 6.63 10.07 1.58
N THR A 148 7.17 10.85 0.66
CA THR A 148 6.47 11.14 -0.60
C THR A 148 6.48 9.96 -1.57
N SER A 149 7.15 8.86 -1.22
CA SER A 149 6.97 7.62 -1.96
C SER A 149 5.56 7.07 -1.73
N GLN A 150 4.90 7.55 -0.67
CA GLN A 150 3.58 7.02 -0.30
C GLN A 150 2.49 8.09 -0.30
N ALA A 151 2.84 9.29 0.14
CA ALA A 151 1.84 10.35 0.21
C ALA A 151 2.48 11.68 -0.17
N ALA A 152 1.74 12.51 -0.91
CA ALA A 152 2.30 13.71 -1.54
C ALA A 152 2.27 14.98 -0.67
N ARG A 153 3.21 15.88 -0.95
CA ARG A 153 3.21 17.21 -0.35
C ARG A 153 3.09 18.21 -1.47
N PRO A 154 2.26 19.23 -1.28
CA PRO A 154 2.15 20.32 -2.26
C PRO A 154 3.51 20.98 -2.54
N THR A 155 3.69 21.47 -3.77
CA THR A 155 4.89 22.21 -4.20
C THR A 155 6.15 21.37 -4.48
N VAL A 156 6.10 20.07 -4.19
CA VAL A 156 7.21 19.18 -4.52
C VAL A 156 6.76 17.97 -5.36
N ALA A 157 6.04 18.26 -6.44
CA ALA A 157 5.53 17.20 -7.33
C ALA A 157 6.59 16.37 -8.07
N PRO A 158 7.58 17.01 -8.72
CA PRO A 158 8.53 16.15 -9.43
C PRO A 158 9.31 15.24 -8.47
N TYR A 159 9.58 15.75 -7.28
CA TYR A 159 10.29 14.96 -6.25
C TYR A 159 9.40 13.79 -5.82
N THR A 160 8.15 14.11 -5.54
CA THR A 160 7.15 13.09 -5.21
C THR A 160 7.04 12.04 -6.29
N ALA A 161 6.93 12.48 -7.54
CA ALA A 161 6.86 11.54 -8.65
C ALA A 161 8.13 10.70 -8.70
N ALA A 162 9.27 11.37 -8.62
CA ALA A 162 10.55 10.64 -8.64
C ALA A 162 10.64 9.59 -7.53
N LYS A 163 10.17 9.94 -6.33
CA LYS A 163 10.32 9.03 -5.18
C LYS A 163 9.30 7.91 -5.22
N GLY A 164 8.14 8.16 -5.81
CA GLY A 164 7.20 7.08 -6.11
C GLY A 164 7.84 6.14 -7.14
N GLY A 165 8.53 6.72 -8.10
CA GLY A 165 9.25 5.92 -9.08
C GLY A 165 10.36 5.08 -8.46
N ILE A 166 11.07 5.65 -7.48
CA ILE A 166 12.14 4.93 -6.78
C ILE A 166 11.60 3.72 -6.07
N LYS A 167 10.44 3.87 -5.44
CA LYS A 167 9.80 2.78 -4.71
C LYS A 167 9.56 1.61 -5.65
N MET A 168 9.03 1.88 -6.85
CA MET A 168 8.80 0.81 -7.80
C MET A 168 10.06 0.34 -8.54
N LEU A 169 11.01 1.24 -8.77
CA LEU A 169 12.30 0.84 -9.33
C LEU A 169 13.04 -0.16 -8.41
N THR A 170 12.89 0.06 -7.10
CA THR A 170 13.39 -0.89 -6.11
C THR A 170 12.79 -2.29 -6.30
N CYS A 171 11.49 -2.37 -6.53
CA CYS A 171 10.82 -3.64 -6.82
C CYS A 171 11.35 -4.26 -8.10
N SER A 172 11.63 -3.43 -9.10
CA SER A 172 12.18 -3.94 -10.37
C SER A 172 13.55 -4.53 -10.15
N MET A 173 14.36 -3.89 -9.30
CA MET A 173 15.70 -4.42 -9.06
C MET A 173 15.65 -5.73 -8.29
N ALA A 174 14.67 -5.85 -7.39
CA ALA A 174 14.41 -7.13 -6.73
C ALA A 174 14.05 -8.14 -7.79
N ALA A 175 13.12 -7.77 -8.66
CA ALA A 175 12.63 -8.71 -9.67
C ALA A 175 13.76 -9.26 -10.56
N GLU A 176 14.68 -8.40 -10.98
CA GLU A 176 15.68 -8.82 -11.97
C GLU A 176 16.95 -9.39 -11.37
N TRP A 177 17.31 -8.94 -10.16
CA TRP A 177 18.63 -9.25 -9.60
C TRP A 177 18.66 -10.12 -8.32
N ALA A 178 17.52 -10.33 -7.69
CA ALA A 178 17.48 -11.19 -6.50
C ALA A 178 18.04 -12.58 -6.79
N GLN A 179 17.85 -13.05 -8.01
CA GLN A 179 18.35 -14.37 -8.40
C GLN A 179 19.86 -14.42 -8.38
N PHE A 180 20.51 -13.26 -8.37
CA PHE A 180 21.98 -13.23 -8.28
C PHE A 180 22.45 -12.93 -6.88
N ASN A 181 21.58 -13.13 -5.90
CA ASN A 181 21.89 -12.84 -4.49
C ASN A 181 22.23 -11.37 -4.29
N ILE A 182 21.51 -10.51 -5.02
CA ILE A 182 21.57 -9.07 -4.74
C ILE A 182 20.26 -8.67 -4.08
N GLN A 183 20.34 -8.00 -2.94
CA GLN A 183 19.13 -7.49 -2.30
C GLN A 183 19.02 -5.99 -2.51
N THR A 184 17.95 -5.58 -3.18
CA THR A 184 17.70 -4.14 -3.39
C THR A 184 16.48 -3.74 -2.59
N ASN A 185 16.67 -2.79 -1.69
CA ASN A 185 15.60 -2.30 -0.84
C ASN A 185 15.68 -0.77 -0.79
N ALA A 186 14.85 -0.15 0.03
CA ALA A 186 14.83 1.31 0.09
C ALA A 186 14.57 1.82 1.50
N ILE A 187 15.03 3.04 1.77
CA ILE A 187 14.72 3.69 3.04
C ILE A 187 13.89 4.91 2.71
N GLY A 188 12.80 5.15 3.44
CA GLY A 188 12.01 6.35 3.25
C GLY A 188 12.15 7.20 4.51
N PRO A 189 13.08 8.16 4.50
CA PRO A 189 13.29 8.97 5.70
C PRO A 189 12.11 9.89 5.93
N GLY A 190 11.75 10.09 7.19
CA GLY A 190 10.69 11.01 7.52
C GLY A 190 11.23 12.43 7.57
N TYR A 191 10.74 13.23 8.52
CA TYR A 191 11.28 14.57 8.68
C TYR A 191 12.45 14.52 9.66
N ILE A 192 13.63 14.76 9.12
CA ILE A 192 14.88 14.57 9.84
C ILE A 192 15.60 15.89 9.95
N LEU A 193 16.24 16.14 11.10
CA LEU A 193 16.96 17.39 11.28
C LEU A 193 18.29 17.34 10.54
N THR A 194 18.40 18.12 9.47
CA THR A 194 19.64 18.30 8.70
C THR A 194 19.77 19.76 8.37
N ASP A 195 20.95 20.18 7.94
CA ASP A 195 21.20 21.58 7.61
C ASP A 195 20.28 22.07 6.49
N MET A 196 20.00 21.18 5.53
CA MET A 196 19.16 21.53 4.39
C MET A 196 17.73 21.84 4.84
N ASN A 197 17.29 21.21 5.93
CA ASN A 197 15.93 21.39 6.44
C ASN A 197 15.82 22.52 7.45
N THR A 198 16.89 23.26 7.69
CA THR A 198 16.91 24.20 8.79
C THR A 198 15.82 25.28 8.72
N ALA A 199 15.40 25.66 7.52
CA ALA A 199 14.31 26.62 7.38
C ALA A 199 12.99 26.03 7.90
N LEU A 200 12.83 24.72 7.71
CA LEU A 200 11.64 24.02 8.18
C LEU A 200 11.59 23.96 9.71
N ILE A 201 12.69 23.51 10.32
CA ILE A 201 12.80 23.36 11.76
C ILE A 201 12.65 24.70 12.49
N GLU A 202 13.15 25.76 11.88
CA GLU A 202 13.11 27.08 12.50
C GLU A 202 11.76 27.77 12.35
N ASP A 203 10.88 27.20 11.53
CA ASP A 203 9.53 27.74 11.39
C ASP A 203 8.62 27.11 12.44
N LYS A 204 8.09 27.94 13.34
CA LYS A 204 7.24 27.46 14.44
C LYS A 204 6.03 26.65 13.96
N GLN A 205 5.33 27.20 12.96
CA GLN A 205 4.15 26.54 12.40
C GLN A 205 4.49 25.17 11.81
N PHE A 206 5.59 25.10 11.05
CA PHE A 206 5.96 23.86 10.39
C PHE A 206 6.41 22.83 11.43
N ASP A 207 7.16 23.30 12.42
CA ASP A 207 7.63 22.43 13.49
C ASP A 207 6.46 21.83 14.26
N SER A 208 5.47 22.66 14.59
CA SER A 208 4.28 22.17 15.27
C SER A 208 3.53 21.14 14.42
N TRP A 209 3.46 21.38 13.13
CA TRP A 209 2.80 20.43 12.23
C TRP A 209 3.53 19.09 12.19
N VAL A 210 4.85 19.13 12.08
CA VAL A 210 5.61 17.88 12.12
C VAL A 210 5.31 17.08 13.41
N LYS A 211 5.38 17.77 14.55
CA LYS A 211 5.21 17.14 15.86
C LYS A 211 3.79 16.59 16.07
N SER A 212 2.80 17.23 15.48
CA SER A 212 1.42 16.77 15.58
C SER A 212 1.07 15.74 14.50
N SER A 213 1.99 15.50 13.57
CA SER A 213 1.75 14.55 12.47
C SER A 213 2.41 13.21 12.67
N THR A 214 3.43 13.17 13.51
CA THR A 214 4.07 11.89 13.84
C THR A 214 3.81 11.62 15.32
N PRO A 215 3.41 10.38 15.65
CA PRO A 215 3.01 10.09 17.03
C PRO A 215 4.19 10.09 18.00
N SER A 216 5.42 10.07 17.48
CA SER A 216 6.60 10.23 18.33
C SER A 216 6.75 11.68 18.80
N GLN A 217 6.02 12.59 18.16
CA GLN A 217 5.98 14.00 18.58
C GLN A 217 7.33 14.69 18.48
N ARG A 218 8.16 14.25 17.54
CA ARG A 218 9.49 14.83 17.38
C ARG A 218 10.04 14.60 15.97
N TRP A 219 11.01 15.42 15.58
CA TRP A 219 11.79 15.20 14.37
C TRP A 219 12.75 14.04 14.63
N GLY A 220 13.21 13.40 13.56
CA GLY A 220 14.26 12.42 13.69
C GLY A 220 15.62 13.09 13.51
N ARG A 221 16.69 12.39 13.87
CA ARG A 221 18.05 12.87 13.65
C ARG A 221 18.71 11.94 12.64
N PRO A 222 19.72 12.43 11.89
CA PRO A 222 20.28 11.61 10.81
C PRO A 222 20.84 10.27 11.30
N GLU A 223 21.42 10.28 12.50
CA GLU A 223 21.95 9.04 13.06
C GLU A 223 20.87 7.98 13.32
N GLU A 224 19.61 8.41 13.35
CA GLU A 224 18.52 7.46 13.55
C GLU A 224 18.14 6.72 12.27
N LEU A 225 18.83 7.06 11.18
CA LEU A 225 18.67 6.34 9.92
C LEU A 225 19.77 5.30 9.72
N ILE A 226 20.85 5.42 10.47
CA ILE A 226 22.03 4.56 10.32
C ILE A 226 21.73 3.08 10.55
N GLY A 227 20.91 2.78 11.57
CA GLY A 227 20.53 1.40 11.86
C GLY A 227 19.90 0.70 10.67
N THR A 228 19.01 1.40 9.98
CA THR A 228 18.33 0.84 8.81
C THR A 228 19.32 0.61 7.68
N ALA A 229 20.24 1.55 7.49
CA ALA A 229 21.23 1.42 6.43
C ALA A 229 22.12 0.20 6.64
N ILE A 230 22.57 0.02 7.89
CA ILE A 230 23.42 -1.13 8.21
C ILE A 230 22.62 -2.43 8.06
N PHE A 231 21.41 -2.44 8.59
CA PHE A 231 20.48 -3.57 8.47
C PHE A 231 20.36 -3.99 7.00
N LEU A 232 20.02 -3.05 6.13
CA LEU A 232 19.84 -3.35 4.71
C LEU A 232 21.14 -3.62 3.96
N SER A 233 22.28 -3.34 4.59
CA SER A 233 23.58 -3.59 3.95
C SER A 233 24.22 -4.88 4.42
N SER A 234 23.58 -5.54 5.38
CA SER A 234 24.22 -6.64 6.09
C SER A 234 23.54 -7.98 5.82
N LYS A 235 24.12 -9.04 6.37
CA LYS A 235 23.56 -10.39 6.24
C LYS A 235 22.14 -10.48 6.81
N ALA A 236 21.81 -9.56 7.71
CA ALA A 236 20.49 -9.52 8.33
C ALA A 236 19.37 -9.35 7.31
N SER A 237 19.69 -8.83 6.13
CA SER A 237 18.66 -8.57 5.12
C SER A 237 18.81 -9.48 3.89
N ASP A 238 19.48 -10.62 4.05
CA ASP A 238 19.67 -11.54 2.94
C ASP A 238 18.36 -12.05 2.28
N TYR A 239 17.28 -12.15 3.05
CA TYR A 239 16.00 -12.58 2.46
C TYR A 239 15.01 -11.44 2.41
N ILE A 240 15.50 -10.21 2.36
CA ILE A 240 14.63 -9.03 2.18
C ILE A 240 14.93 -8.44 0.80
N ASN A 241 13.88 -8.19 0.04
CA ASN A 241 14.07 -7.69 -1.32
C ASN A 241 12.85 -6.93 -1.79
N GLY A 242 13.09 -5.76 -2.38
CA GLY A 242 12.03 -4.97 -2.96
C GLY A 242 11.21 -4.20 -1.95
N GLN A 243 11.73 -4.07 -0.72
CA GLN A 243 11.00 -3.43 0.36
C GLN A 243 11.41 -1.97 0.59
N ILE A 244 10.48 -1.13 1.03
CA ILE A 244 10.85 0.20 1.51
C ILE A 244 10.52 0.31 3.00
N ILE A 245 11.51 0.75 3.77
CA ILE A 245 11.31 0.89 5.20
C ILE A 245 11.24 2.37 5.49
N TYR A 246 10.10 2.82 6.03
CA TYR A 246 9.97 4.23 6.42
C TYR A 246 10.45 4.42 7.84
N VAL A 247 11.21 5.49 8.05
CA VAL A 247 11.76 5.82 9.36
C VAL A 247 11.23 7.21 9.67
N ASP A 248 10.07 7.25 10.30
CA ASP A 248 9.31 8.49 10.40
C ASP A 248 8.64 8.72 11.74
N GLY A 249 9.01 7.93 12.74
CA GLY A 249 8.42 8.07 14.06
C GLY A 249 6.96 7.64 14.11
N GLY A 250 6.45 7.13 12.99
CA GLY A 250 5.07 6.66 12.91
C GLY A 250 4.17 7.53 12.06
N TRP A 251 4.75 8.51 11.38
CA TRP A 251 3.95 9.44 10.58
C TRP A 251 2.95 8.74 9.64
N LEU A 252 3.45 7.84 8.80
CA LEU A 252 2.57 7.24 7.81
C LEU A 252 1.52 6.33 8.44
N ALA A 253 1.80 5.85 9.65
CA ALA A 253 0.90 4.92 10.32
C ALA A 253 -0.35 5.61 10.84
N VAL A 254 -0.28 6.93 11.05
CA VAL A 254 -1.36 7.66 11.68
C VAL A 254 -2.15 8.50 10.69
N LEU A 255 -3.48 8.46 10.83
CA LEU A 255 -4.40 9.11 9.88
C LEU A 255 -4.32 10.63 10.00
N ALA B 3 26.02 -0.75 21.96
CA ALA B 3 26.02 -0.69 20.49
C ALA B 3 24.61 -0.72 19.91
N LEU B 4 24.51 -0.32 18.65
CA LEU B 4 23.22 -0.14 17.96
C LEU B 4 22.26 -1.34 18.03
N PHE B 5 22.80 -2.55 17.88
CA PHE B 5 21.97 -3.73 17.76
C PHE B 5 22.10 -4.66 18.98
N ASP B 6 22.76 -4.16 20.01
CA ASP B 6 23.00 -4.94 21.24
C ASP B 6 21.75 -4.91 22.11
N LEU B 7 21.28 -6.08 22.52
CA LEU B 7 20.10 -6.22 23.38
C LEU B 7 20.47 -6.58 24.83
N THR B 8 21.75 -6.45 25.17
CA THR B 8 22.19 -6.77 26.53
C THR B 8 21.49 -5.82 27.51
N GLY B 9 21.01 -6.35 28.62
CA GLY B 9 20.27 -5.55 29.59
C GLY B 9 18.78 -5.50 29.33
N LYS B 10 18.32 -6.11 28.24
CA LYS B 10 16.90 -6.09 27.89
C LYS B 10 16.29 -7.47 28.11
N THR B 11 14.99 -7.51 28.43
CA THR B 11 14.29 -8.78 28.58
C THR B 11 13.17 -8.84 27.53
N ALA B 12 13.09 -9.95 26.80
CA ALA B 12 12.07 -10.10 25.79
C ALA B 12 11.13 -11.23 26.17
N LEU B 13 9.87 -11.08 25.77
CA LEU B 13 8.88 -12.16 25.87
C LEU B 13 8.39 -12.46 24.46
N VAL B 14 8.46 -13.72 24.06
CA VAL B 14 7.98 -14.15 22.75
C VAL B 14 6.86 -15.17 22.94
N THR B 15 5.67 -14.87 22.43
CA THR B 15 4.56 -15.81 22.57
C THR B 15 4.61 -16.89 21.49
N GLY B 16 4.13 -18.09 21.82
CA GLY B 16 4.15 -19.21 20.89
C GLY B 16 5.56 -19.54 20.44
N SER B 17 6.48 -19.62 21.39
CA SER B 17 7.89 -19.77 21.05
C SER B 17 8.49 -21.10 21.49
N ALA B 18 7.65 -22.10 21.79
CA ALA B 18 8.23 -23.39 22.13
C ALA B 18 8.91 -24.00 20.91
N ARG B 19 8.35 -23.77 19.74
CA ARG B 19 8.92 -24.27 18.49
C ARG B 19 8.63 -23.32 17.33
N GLY B 20 9.04 -23.72 16.12
CA GLY B 20 8.78 -22.93 14.92
C GLY B 20 9.50 -21.60 14.90
N LEU B 21 8.94 -20.62 14.18
CA LEU B 21 9.57 -19.31 14.07
C LEU B 21 9.68 -18.58 15.41
N GLY B 22 8.72 -18.82 16.30
CA GLY B 22 8.75 -18.19 17.61
C GLY B 22 9.99 -18.58 18.40
N PHE B 23 10.35 -19.85 18.35
CA PHE B 23 11.55 -20.33 19.00
C PHE B 23 12.79 -19.68 18.38
N ALA B 24 12.77 -19.52 17.06
CA ALA B 24 13.90 -18.88 16.37
C ALA B 24 14.07 -17.42 16.79
N TYR B 25 12.98 -16.66 16.84
CA TYR B 25 13.05 -15.29 17.38
C TYR B 25 13.68 -15.30 18.75
N ALA B 26 13.18 -16.16 19.63
CA ALA B 26 13.72 -16.22 20.99
C ALA B 26 15.23 -16.54 21.03
N GLU B 27 15.68 -17.55 20.27
CA GLU B 27 17.10 -17.84 20.27
C GLU B 27 17.89 -16.67 19.67
N GLY B 28 17.32 -16.03 18.66
CA GLY B 28 17.96 -14.91 18.00
C GLY B 28 18.14 -13.72 18.90
N LEU B 29 17.11 -13.39 19.68
CA LEU B 29 17.19 -12.28 20.61
C LEU B 29 18.19 -12.57 21.73
N ALA B 30 18.19 -13.82 22.19
CA ALA B 30 19.17 -14.25 23.20
C ALA B 30 20.60 -14.06 22.70
N ALA B 31 20.83 -14.45 21.46
CA ALA B 31 22.15 -14.33 20.85
C ALA B 31 22.62 -12.89 20.78
N ALA B 32 21.66 -11.96 20.68
CA ALA B 32 21.99 -10.54 20.66
C ALA B 32 22.09 -10.01 22.08
N GLY B 33 21.92 -10.90 23.07
CA GLY B 33 22.17 -10.53 24.45
C GLY B 33 20.97 -10.34 25.37
N ALA B 34 19.76 -10.49 24.82
CA ALA B 34 18.56 -10.36 25.62
C ALA B 34 18.37 -11.55 26.55
N ARG B 35 17.82 -11.31 27.73
CA ARG B 35 17.26 -12.39 28.52
C ARG B 35 15.92 -12.67 27.86
N VAL B 36 15.56 -13.94 27.66
CA VAL B 36 14.32 -14.24 26.95
C VAL B 36 13.34 -15.07 27.76
N ILE B 37 12.07 -14.75 27.61
CA ILE B 37 11.01 -15.51 28.24
C ILE B 37 10.18 -16.13 27.14
N LEU B 38 10.16 -17.46 27.09
CA LEU B 38 9.37 -18.16 26.08
C LEU B 38 7.97 -18.42 26.61
N ASN B 39 7.04 -18.62 25.70
CA ASN B 39 5.67 -18.86 26.08
C ASN B 39 5.04 -19.87 25.15
N ASP B 40 4.21 -20.74 25.71
CA ASP B 40 3.40 -21.66 24.95
C ASP B 40 2.29 -22.11 25.86
N ILE B 41 1.27 -22.76 25.30
CA ILE B 41 0.14 -23.22 26.09
C ILE B 41 0.51 -24.50 26.83
N ARG B 42 1.48 -25.23 26.29
CA ARG B 42 1.89 -26.52 26.89
C ARG B 42 3.12 -26.35 27.77
N ALA B 43 2.94 -26.53 29.08
CA ALA B 43 4.01 -26.32 30.04
C ALA B 43 5.21 -27.24 29.80
N THR B 44 4.93 -28.54 29.66
CA THR B 44 5.98 -29.55 29.46
C THR B 44 6.83 -29.31 28.20
N LEU B 45 6.15 -28.98 27.09
CA LEU B 45 6.85 -28.68 25.84
C LEU B 45 7.70 -27.42 26.00
N LEU B 46 7.09 -26.42 26.61
CA LEU B 46 7.76 -25.14 26.87
C LEU B 46 9.06 -25.38 27.65
N ALA B 47 8.96 -26.19 28.71
CA ALA B 47 10.11 -26.51 29.57
C ALA B 47 11.28 -27.13 28.79
N GLU B 48 10.97 -27.97 27.81
CA GLU B 48 12.00 -28.59 26.97
C GLU B 48 12.70 -27.54 26.09
N SER B 49 11.91 -26.65 25.51
CA SER B 49 12.46 -25.59 24.68
C SER B 49 13.30 -24.61 25.51
N VAL B 50 12.80 -24.25 26.70
CA VAL B 50 13.57 -23.42 27.63
C VAL B 50 14.91 -24.09 27.94
N ASP B 51 14.87 -25.39 28.23
CA ASP B 51 16.10 -26.10 28.57
C ASP B 51 17.09 -26.14 27.41
N THR B 52 16.60 -26.33 26.20
CA THR B 52 17.46 -26.35 25.01
C THR B 52 18.25 -25.04 24.89
N LEU B 53 17.60 -23.91 25.17
CA LEU B 53 18.26 -22.62 25.08
C LEU B 53 19.22 -22.40 26.25
N THR B 54 18.84 -22.90 27.41
CA THR B 54 19.70 -22.82 28.60
C THR B 54 20.96 -23.63 28.38
N ARG B 55 20.82 -24.81 27.78
CA ARG B 55 21.96 -25.66 27.49
C ARG B 55 22.92 -25.04 26.48
N LYS B 56 22.44 -24.07 25.71
CA LYS B 56 23.29 -23.35 24.76
C LYS B 56 24.02 -22.16 25.42
N GLY B 57 23.71 -21.89 26.69
CA GLY B 57 24.32 -20.78 27.40
C GLY B 57 23.47 -19.50 27.45
N TYR B 58 22.22 -19.59 27.04
CA TYR B 58 21.33 -18.42 27.06
C TYR B 58 20.55 -18.29 28.36
N ASP B 59 20.12 -17.06 28.65
CA ASP B 59 19.36 -16.74 29.86
C ASP B 59 17.89 -16.88 29.48
N ALA B 60 17.38 -18.11 29.47
CA ALA B 60 16.04 -18.39 28.97
C ALA B 60 15.11 -18.83 30.09
N HIS B 61 13.84 -18.43 29.97
CA HIS B 61 12.83 -18.76 30.96
C HIS B 61 11.53 -19.02 30.23
N GLY B 62 10.60 -19.68 30.89
CA GLY B 62 9.31 -19.95 30.26
C GLY B 62 8.14 -19.59 31.14
N VAL B 63 7.11 -18.97 30.55
CA VAL B 63 5.87 -18.77 31.27
C VAL B 63 4.73 -19.28 30.39
N ALA B 64 4.02 -20.29 30.87
CA ALA B 64 2.98 -20.92 30.05
C ALA B 64 1.63 -20.22 30.27
N PHE B 65 1.01 -19.76 29.18
CA PHE B 65 -0.34 -19.23 29.26
C PHE B 65 -1.04 -19.23 27.90
N ASP B 66 -2.38 -19.31 27.92
CA ASP B 66 -3.21 -19.23 26.73
C ASP B 66 -3.33 -17.76 26.34
N VAL B 67 -2.84 -17.41 25.14
CA VAL B 67 -2.86 -16.00 24.71
C VAL B 67 -4.25 -15.45 24.38
N THR B 68 -5.27 -16.29 24.43
CA THR B 68 -6.65 -15.84 24.24
C THR B 68 -7.38 -15.66 25.58
N ASP B 69 -6.74 -16.08 26.66
CA ASP B 69 -7.31 -16.00 28.01
C ASP B 69 -6.76 -14.79 28.75
N GLU B 70 -7.55 -13.72 28.82
CA GLU B 70 -7.07 -12.48 29.41
C GLU B 70 -6.70 -12.65 30.89
N LEU B 71 -7.38 -13.57 31.58
CA LEU B 71 -7.10 -13.80 33.00
C LEU B 71 -5.72 -14.43 33.17
N ALA B 72 -5.41 -15.40 32.32
CA ALA B 72 -4.13 -16.09 32.37
C ALA B 72 -3.01 -15.11 32.02
N ILE B 73 -3.26 -14.27 31.03
CA ILE B 73 -2.26 -13.28 30.61
C ILE B 73 -1.89 -12.34 31.76
N GLU B 74 -2.88 -11.73 32.41
CA GLU B 74 -2.58 -10.82 33.51
C GLU B 74 -1.97 -11.52 34.71
N ALA B 75 -2.33 -12.78 34.93
CA ALA B 75 -1.70 -13.57 35.99
C ALA B 75 -0.21 -13.79 35.70
N ALA B 76 0.11 -14.05 34.44
CA ALA B 76 1.50 -14.24 34.01
C ALA B 76 2.32 -12.99 34.20
N PHE B 77 1.78 -11.84 33.77
CA PHE B 77 2.48 -10.57 33.94
C PHE B 77 2.60 -10.17 35.41
N SER B 78 1.64 -10.58 36.24
CA SER B 78 1.74 -10.35 37.67
C SER B 78 2.82 -11.21 38.33
N LYS B 79 2.94 -12.47 37.89
CA LYS B 79 4.03 -13.31 38.33
C LYS B 79 5.36 -12.65 37.99
N LEU B 80 5.53 -12.27 36.71
CA LEU B 80 6.74 -11.60 36.27
C LEU B 80 7.04 -10.36 37.10
N ASP B 81 6.00 -9.57 37.37
CA ASP B 81 6.08 -8.40 38.25
C ASP B 81 6.68 -8.74 39.60
N ALA B 82 6.13 -9.77 40.23
CA ALA B 82 6.55 -10.19 41.56
C ALA B 82 8.02 -10.62 41.55
N GLU B 83 8.47 -11.17 40.43
CA GLU B 83 9.84 -11.67 40.33
C GLU B 83 10.80 -10.58 39.90
N GLY B 84 10.28 -9.36 39.76
CA GLY B 84 11.08 -8.21 39.38
C GLY B 84 11.54 -8.24 37.93
N ILE B 85 10.81 -8.97 37.09
CA ILE B 85 11.17 -9.09 35.68
C ILE B 85 10.36 -8.12 34.80
N HIS B 86 11.07 -7.22 34.11
CA HIS B 86 10.47 -6.22 33.24
C HIS B 86 10.53 -6.67 31.79
N VAL B 87 9.39 -6.70 31.10
CA VAL B 87 9.39 -7.03 29.68
C VAL B 87 9.65 -5.75 28.87
N ASP B 88 10.81 -5.69 28.21
CA ASP B 88 11.21 -4.52 27.42
C ASP B 88 10.84 -4.71 25.96
N ILE B 89 10.77 -5.98 25.56
CA ILE B 89 10.53 -6.37 24.18
C ILE B 89 9.47 -7.46 24.16
N LEU B 90 8.44 -7.27 23.36
CA LEU B 90 7.41 -8.28 23.18
C LEU B 90 7.27 -8.64 21.72
N ILE B 91 7.33 -9.94 21.40
CA ILE B 91 6.99 -10.40 20.06
C ILE B 91 5.72 -11.25 20.12
N ASN B 92 4.66 -10.79 19.47
CA ASN B 92 3.38 -11.50 19.44
C ASN B 92 3.33 -12.50 18.30
N ASN B 93 3.94 -13.65 18.53
CA ASN B 93 4.06 -14.65 17.47
C ASN B 93 2.97 -15.74 17.52
N ALA B 94 2.24 -15.78 18.63
CA ALA B 94 1.19 -16.80 18.79
C ALA B 94 0.10 -16.66 17.73
N GLY B 95 -0.55 -17.76 17.41
CA GLY B 95 -1.65 -17.78 16.45
C GLY B 95 -1.71 -19.12 15.74
N ILE B 96 -2.91 -19.54 15.33
CA ILE B 96 -3.05 -20.79 14.62
C ILE B 96 -3.44 -20.59 13.15
N GLN B 97 -3.44 -21.69 12.40
CA GLN B 97 -3.86 -21.68 11.00
C GLN B 97 -5.03 -22.65 10.85
N TYR B 98 -5.95 -22.35 9.95
CA TYR B 98 -7.03 -23.27 9.63
C TYR B 98 -7.33 -23.15 8.14
N ARG B 99 -7.14 -24.24 7.41
CA ARG B 99 -7.33 -24.23 5.96
C ARG B 99 -8.69 -24.76 5.59
N LYS B 100 -9.53 -23.89 5.01
CA LYS B 100 -10.88 -24.29 4.60
C LYS B 100 -11.50 -23.17 3.77
N PRO B 101 -12.09 -23.51 2.61
CA PRO B 101 -12.83 -22.52 1.83
C PRO B 101 -13.92 -21.81 2.66
N MET B 102 -14.12 -20.51 2.44
CA MET B 102 -15.09 -19.73 3.25
C MET B 102 -16.53 -20.23 3.25
N VAL B 103 -17.00 -20.72 2.11
CA VAL B 103 -18.36 -21.24 2.03
C VAL B 103 -18.54 -22.49 2.89
N GLU B 104 -17.43 -23.14 3.22
CA GLU B 104 -17.46 -24.35 4.04
C GLU B 104 -16.99 -24.08 5.47
N LEU B 105 -16.58 -22.85 5.74
CA LEU B 105 -15.89 -22.55 7.00
C LEU B 105 -16.84 -22.42 8.19
N GLU B 106 -16.61 -23.23 9.22
CA GLU B 106 -17.40 -23.15 10.44
C GLU B 106 -17.06 -21.88 11.24
N LEU B 107 -18.07 -21.22 11.77
CA LEU B 107 -17.86 -20.01 12.57
C LEU B 107 -16.89 -20.23 13.72
N GLU B 108 -17.01 -21.35 14.40
CA GLU B 108 -16.11 -21.70 15.50
C GLU B 108 -14.64 -21.64 15.07
N ASN B 109 -14.36 -22.11 13.87
CA ASN B 109 -12.98 -22.10 13.37
C ASN B 109 -12.53 -20.71 12.94
N TRP B 110 -13.42 -19.98 12.28
CA TRP B 110 -13.17 -18.57 11.96
C TRP B 110 -12.79 -17.86 13.24
N GLN B 111 -13.60 -18.07 14.28
CA GLN B 111 -13.42 -17.34 15.52
C GLN B 111 -12.10 -17.67 16.21
N LYS B 112 -11.71 -18.94 16.20
CA LYS B 112 -10.47 -19.36 16.84
C LYS B 112 -9.26 -18.77 16.13
N VAL B 113 -9.30 -18.72 14.80
CA VAL B 113 -8.22 -18.07 14.07
C VAL B 113 -8.11 -16.58 14.42
N ILE B 114 -9.25 -15.88 14.44
CA ILE B 114 -9.25 -14.45 14.77
C ILE B 114 -8.76 -14.23 16.20
N ASP B 115 -9.23 -15.06 17.13
CA ASP B 115 -8.86 -14.89 18.54
C ASP B 115 -7.36 -15.12 18.78
N THR B 116 -6.82 -16.22 18.27
CA THR B 116 -5.44 -16.59 18.53
C THR B 116 -4.44 -15.70 17.80
N ASN B 117 -4.86 -15.13 16.67
CA ASN B 117 -3.98 -14.33 15.84
C ASN B 117 -4.10 -12.83 16.08
N LEU B 118 -5.32 -12.34 16.22
CA LEU B 118 -5.53 -10.90 16.27
C LEU B 118 -5.80 -10.41 17.67
N THR B 119 -6.80 -11.00 18.32
CA THR B 119 -7.16 -10.59 19.68
C THR B 119 -6.02 -10.79 20.69
N SER B 120 -5.31 -11.91 20.54
CA SER B 120 -4.16 -12.21 21.40
C SER B 120 -3.14 -11.06 21.39
N ALA B 121 -2.90 -10.48 20.22
CA ALA B 121 -1.89 -9.43 20.13
C ALA B 121 -2.34 -8.18 20.90
N PHE B 122 -3.63 -7.89 20.85
CA PHE B 122 -4.18 -6.82 21.68
C PHE B 122 -4.03 -7.13 23.17
N LEU B 123 -4.44 -8.33 23.57
CA LEU B 123 -4.48 -8.67 24.99
C LEU B 123 -3.07 -8.71 25.61
N VAL B 124 -2.11 -9.31 24.91
CA VAL B 124 -0.75 -9.39 25.46
C VAL B 124 -0.06 -8.02 25.43
N SER B 125 -0.24 -7.28 24.34
CA SER B 125 0.35 -5.94 24.23
C SER B 125 -0.22 -4.98 25.27
N ARG B 126 -1.52 -5.08 25.54
CA ARG B 126 -2.15 -4.21 26.54
C ARG B 126 -1.45 -4.33 27.89
N SER B 127 -1.20 -5.56 28.30
CA SER B 127 -0.55 -5.81 29.58
C SER B 127 0.90 -5.37 29.59
N ALA B 128 1.59 -5.64 28.49
CA ALA B 128 3.01 -5.29 28.40
C ALA B 128 3.21 -3.77 28.29
N ALA B 129 2.38 -3.11 27.49
CA ALA B 129 2.54 -1.67 27.25
C ALA B 129 2.24 -0.84 28.50
N LYS B 130 1.20 -1.22 29.23
CA LYS B 130 0.86 -0.57 30.51
C LYS B 130 2.07 -0.48 31.41
N ARG B 131 2.84 -1.56 31.46
CA ARG B 131 4.02 -1.61 32.33
C ARG B 131 5.19 -0.82 31.76
N MET B 132 5.36 -0.85 30.43
CA MET B 132 6.36 -0.02 29.76
C MET B 132 6.08 1.45 30.03
N ILE B 133 4.81 1.83 29.90
CA ILE B 133 4.39 3.19 30.16
C ILE B 133 4.64 3.60 31.61
N ALA B 134 4.24 2.76 32.56
CA ALA B 134 4.39 3.05 33.99
C ALA B 134 5.85 3.22 34.39
N ARG B 135 6.73 2.42 33.78
CA ARG B 135 8.15 2.43 34.12
C ARG B 135 8.91 3.56 33.44
N ASN B 136 8.30 4.13 32.41
CA ASN B 136 8.99 5.09 31.54
C ASN B 136 10.33 4.56 31.02
N SER B 137 10.32 3.27 30.68
CA SER B 137 11.52 2.57 30.25
C SER B 137 11.62 2.51 28.72
N GLY B 138 10.57 2.97 28.05
CA GLY B 138 10.43 2.73 26.61
C GLY B 138 10.09 1.26 26.39
N GLY B 139 10.12 0.82 25.15
CA GLY B 139 9.78 -0.56 24.87
C GLY B 139 9.69 -0.82 23.40
N LYS B 140 9.66 -2.10 23.04
CA LYS B 140 9.54 -2.52 21.66
C LYS B 140 8.45 -3.57 21.59
N ILE B 141 7.53 -3.41 20.65
CA ILE B 141 6.52 -4.43 20.41
C ILE B 141 6.56 -4.84 18.96
N ILE B 142 6.70 -6.13 18.73
CA ILE B 142 6.73 -6.63 17.37
C ILE B 142 5.59 -7.60 17.13
N ASN B 143 4.68 -7.23 16.24
CA ASN B 143 3.60 -8.13 15.86
C ASN B 143 4.01 -8.99 14.68
N ILE B 144 3.49 -10.20 14.60
CA ILE B 144 3.79 -11.05 13.45
C ILE B 144 2.64 -11.00 12.46
N GLY B 145 2.91 -10.41 11.30
CA GLY B 145 1.95 -10.42 10.20
C GLY B 145 2.22 -11.63 9.32
N SER B 146 2.07 -11.43 8.01
CA SER B 146 2.16 -12.52 7.03
C SER B 146 2.20 -11.84 5.68
N LEU B 147 2.58 -12.56 4.63
CA LEU B 147 2.37 -12.01 3.29
C LEU B 147 0.87 -11.76 3.09
N THR B 148 0.03 -12.52 3.80
CA THR B 148 -1.41 -12.29 3.73
C THR B 148 -1.87 -10.99 4.44
N SER B 149 -0.95 -10.24 5.03
CA SER B 149 -1.28 -8.89 5.52
C SER B 149 -1.48 -7.98 4.30
N GLN B 150 -0.98 -8.44 3.15
CA GLN B 150 -1.00 -7.61 1.95
C GLN B 150 -1.78 -8.23 0.78
N ALA B 151 -1.67 -9.54 0.62
CA ALA B 151 -2.31 -10.23 -0.51
C ALA B 151 -2.84 -11.57 -0.03
N ALA B 152 -4.06 -11.92 -0.47
CA ALA B 152 -4.76 -13.07 0.07
C ALA B 152 -4.39 -14.39 -0.58
N ARG B 153 -4.52 -15.45 0.21
CA ARG B 153 -4.33 -16.82 -0.25
C ARG B 153 -5.66 -17.56 -0.06
N PRO B 154 -6.15 -18.24 -1.11
CA PRO B 154 -7.39 -19.02 -0.97
C PRO B 154 -7.31 -20.03 0.17
N THR B 155 -8.46 -20.31 0.79
CA THR B 155 -8.63 -21.30 1.85
C THR B 155 -8.07 -20.90 3.23
N VAL B 156 -7.45 -19.72 3.33
CA VAL B 156 -7.03 -19.22 4.62
C VAL B 156 -7.55 -17.81 4.90
N ALA B 157 -8.85 -17.63 4.71
CA ALA B 157 -9.49 -16.32 4.87
C ALA B 157 -9.44 -15.73 6.29
N PRO B 158 -9.81 -16.52 7.32
CA PRO B 158 -9.77 -15.88 8.65
C PRO B 158 -8.33 -15.50 9.02
N TYR B 159 -7.37 -16.31 8.61
CA TYR B 159 -5.97 -15.98 8.85
C TYR B 159 -5.62 -14.70 8.11
N THR B 160 -6.03 -14.62 6.85
CA THR B 160 -5.74 -13.45 6.04
C THR B 160 -6.35 -12.21 6.67
N ALA B 161 -7.60 -12.33 7.09
CA ALA B 161 -8.29 -11.22 7.72
C ALA B 161 -7.60 -10.82 9.02
N ALA B 162 -7.23 -11.82 9.83
CA ALA B 162 -6.53 -11.55 11.10
C ALA B 162 -5.20 -10.81 10.88
N LYS B 163 -4.48 -11.22 9.85
CA LYS B 163 -3.16 -10.68 9.56
C LYS B 163 -3.23 -9.29 8.95
N GLY B 164 -4.31 -9.04 8.21
CA GLY B 164 -4.56 -7.68 7.73
C GLY B 164 -4.91 -6.80 8.92
N GLY B 165 -5.58 -7.39 9.90
CA GLY B 165 -5.93 -6.68 11.11
C GLY B 165 -4.71 -6.40 11.94
N ILE B 166 -3.77 -7.35 11.98
CA ILE B 166 -2.54 -7.17 12.72
C ILE B 166 -1.72 -6.02 12.17
N LYS B 167 -1.68 -5.92 10.85
CA LYS B 167 -1.00 -4.80 10.19
C LYS B 167 -1.54 -3.46 10.66
N MET B 168 -2.86 -3.33 10.71
CA MET B 168 -3.44 -2.07 11.15
C MET B 168 -3.38 -1.90 12.66
N LEU B 169 -3.46 -3.01 13.41
CA LEU B 169 -3.34 -2.92 14.86
C LEU B 169 -1.96 -2.39 15.21
N THR B 170 -0.97 -2.78 14.42
CA THR B 170 0.39 -2.25 14.57
C THR B 170 0.42 -0.73 14.45
N CYS B 171 -0.29 -0.19 13.45
CA CYS B 171 -0.43 1.25 13.32
C CYS B 171 -1.11 1.90 14.54
N SER B 172 -2.13 1.25 15.10
CA SER B 172 -2.83 1.81 16.27
C SER B 172 -1.93 1.88 17.48
N MET B 173 -1.07 0.88 17.62
CA MET B 173 -0.17 0.84 18.75
C MET B 173 0.87 1.94 18.60
N ALA B 174 1.32 2.17 17.37
CA ALA B 174 2.20 3.31 17.11
C ALA B 174 1.49 4.61 17.47
N ALA B 175 0.25 4.75 17.03
CA ALA B 175 -0.51 5.97 17.23
C ALA B 175 -0.68 6.31 18.72
N GLU B 176 -0.96 5.27 19.52
CA GLU B 176 -1.26 5.47 20.94
C GLU B 176 -0.04 5.46 21.86
N TRP B 177 0.98 4.69 21.51
CA TRP B 177 2.10 4.46 22.43
C TRP B 177 3.46 5.06 22.06
N ALA B 178 3.61 5.57 20.84
CA ALA B 178 4.90 6.09 20.41
C ALA B 178 5.34 7.25 21.29
N GLN B 179 4.37 7.97 21.84
CA GLN B 179 4.68 9.13 22.67
C GLN B 179 5.36 8.71 23.98
N PHE B 180 5.26 7.43 24.31
CA PHE B 180 5.88 6.92 25.53
C PHE B 180 7.19 6.21 25.18
N ASN B 181 7.72 6.53 24.01
CA ASN B 181 8.94 5.92 23.51
C ASN B 181 8.80 4.41 23.38
N ILE B 182 7.62 3.97 22.96
CA ILE B 182 7.41 2.58 22.58
C ILE B 182 7.28 2.48 21.06
N GLN B 183 8.10 1.63 20.45
CA GLN B 183 8.02 1.42 19.00
C GLN B 183 7.35 0.10 18.73
N THR B 184 6.19 0.16 18.07
CA THR B 184 5.48 -1.04 17.66
C THR B 184 5.56 -1.19 16.15
N ASN B 185 6.16 -2.29 15.73
CA ASN B 185 6.28 -2.62 14.31
C ASN B 185 5.92 -4.07 14.08
N ALA B 186 6.02 -4.54 12.84
CA ALA B 186 5.60 -5.89 12.51
C ALA B 186 6.56 -6.52 11.52
N ILE B 187 6.66 -7.85 11.58
CA ILE B 187 7.43 -8.61 10.61
C ILE B 187 6.44 -9.45 9.81
N GLY B 188 6.59 -9.48 8.49
CA GLY B 188 5.75 -10.34 7.67
C GLY B 188 6.56 -11.42 6.99
N PRO B 189 6.65 -12.61 7.61
CA PRO B 189 7.49 -13.66 7.03
C PRO B 189 6.93 -14.19 5.72
N GLY B 190 7.80 -14.52 4.77
CA GLY B 190 7.35 -15.12 3.53
C GLY B 190 7.17 -16.61 3.70
N TYR B 191 7.60 -17.39 2.71
CA TYR B 191 7.56 -18.84 2.84
C TYR B 191 8.89 -19.33 3.39
N ILE B 192 8.84 -19.78 4.64
CA ILE B 192 10.04 -20.13 5.40
C ILE B 192 10.03 -21.60 5.72
N LEU B 193 11.19 -22.24 5.58
CA LEU B 193 11.35 -23.65 5.93
C LEU B 193 11.17 -23.79 7.43
N THR B 194 10.03 -24.36 7.83
CA THR B 194 9.78 -24.72 9.21
C THR B 194 9.38 -26.17 9.22
N ASP B 195 9.31 -26.75 10.41
CA ASP B 195 8.81 -28.11 10.52
C ASP B 195 7.33 -28.16 10.17
N MET B 196 6.62 -27.07 10.46
CA MET B 196 5.19 -26.96 10.20
C MET B 196 4.88 -26.91 8.71
N ASN B 197 5.79 -26.31 7.94
CA ASN B 197 5.59 -26.15 6.50
C ASN B 197 6.06 -27.36 5.69
N THR B 198 6.48 -28.41 6.40
CA THR B 198 7.21 -29.50 5.77
C THR B 198 6.43 -30.21 4.66
N ALA B 199 5.11 -30.23 4.78
CA ALA B 199 4.27 -30.83 3.74
C ALA B 199 4.32 -29.95 2.49
N LEU B 200 4.39 -28.64 2.69
CA LEU B 200 4.46 -27.71 1.57
C LEU B 200 5.78 -27.84 0.81
N ILE B 201 6.88 -27.88 1.55
CA ILE B 201 8.20 -27.98 0.93
C ILE B 201 8.34 -29.30 0.18
N GLU B 202 7.79 -30.37 0.75
CA GLU B 202 7.87 -31.71 0.15
C GLU B 202 7.08 -31.86 -1.14
N ASP B 203 6.08 -31.00 -1.33
CA ASP B 203 5.25 -31.06 -2.53
C ASP B 203 5.92 -30.35 -3.71
N LYS B 204 6.27 -31.12 -4.73
CA LYS B 204 7.01 -30.57 -5.87
C LYS B 204 6.30 -29.39 -6.52
N GLN B 205 5.00 -29.52 -6.73
CA GLN B 205 4.24 -28.42 -7.33
C GLN B 205 4.26 -27.17 -6.45
N PHE B 206 4.07 -27.32 -5.15
CA PHE B 206 4.06 -26.16 -4.26
C PHE B 206 5.44 -25.54 -4.16
N ASP B 207 6.46 -26.39 -4.10
CA ASP B 207 7.83 -25.91 -4.08
C ASP B 207 8.14 -25.11 -5.35
N SER B 208 7.71 -25.62 -6.50
CA SER B 208 7.90 -24.92 -7.77
C SER B 208 7.20 -23.57 -7.78
N TRP B 209 6.01 -23.54 -7.18
CA TRP B 209 5.23 -22.30 -7.14
C TRP B 209 5.93 -21.24 -6.27
N VAL B 210 6.44 -21.66 -5.12
CA VAL B 210 7.17 -20.74 -4.26
C VAL B 210 8.38 -20.17 -5.01
N LYS B 211 9.15 -21.05 -5.64
CA LYS B 211 10.37 -20.65 -6.32
C LYS B 211 10.12 -19.74 -7.52
N SER B 212 8.96 -19.90 -8.15
CA SER B 212 8.61 -19.07 -9.29
C SER B 212 7.91 -17.76 -8.84
N SER B 213 7.52 -17.68 -7.57
CA SER B 213 6.81 -16.51 -7.05
C SER B 213 7.68 -15.47 -6.34
N THR B 214 8.84 -15.91 -5.86
CA THR B 214 9.79 -14.99 -5.23
C THR B 214 11.02 -14.94 -6.11
N PRO B 215 11.52 -13.72 -6.40
CA PRO B 215 12.61 -13.61 -7.37
C PRO B 215 13.94 -14.13 -6.83
N SER B 216 13.98 -14.42 -5.53
CA SER B 216 15.13 -15.08 -4.94
C SER B 216 15.16 -16.56 -5.30
N GLN B 217 14.05 -17.07 -5.82
CA GLN B 217 13.98 -18.45 -6.31
C GLN B 217 14.27 -19.49 -5.23
N ARG B 218 13.93 -19.17 -3.98
CA ARG B 218 14.15 -20.10 -2.88
C ARG B 218 13.25 -19.80 -1.69
N TRP B 219 13.11 -20.79 -0.80
CA TRP B 219 12.48 -20.58 0.50
C TRP B 219 13.45 -19.84 1.41
N GLY B 220 12.91 -19.12 2.39
CA GLY B 220 13.73 -18.57 3.47
C GLY B 220 13.93 -19.61 4.56
N ARG B 221 14.92 -19.40 5.43
CA ARG B 221 15.15 -20.24 6.60
C ARG B 221 14.85 -19.40 7.86
N PRO B 222 14.47 -20.05 8.97
CA PRO B 222 14.02 -19.24 10.10
C PRO B 222 15.07 -18.24 10.55
N GLU B 223 16.35 -18.62 10.53
CA GLU B 223 17.42 -17.71 10.95
C GLU B 223 17.48 -16.42 10.12
N GLU B 224 16.83 -16.42 8.96
CA GLU B 224 16.85 -15.23 8.12
C GLU B 224 15.82 -14.21 8.58
N LEU B 225 15.07 -14.56 9.62
CA LEU B 225 14.15 -13.61 10.24
C LEU B 225 14.74 -12.91 11.47
N ILE B 226 15.83 -13.47 11.99
CA ILE B 226 16.47 -13.01 13.23
C ILE B 226 16.95 -11.56 13.16
N GLY B 227 17.60 -11.23 12.05
CA GLY B 227 18.11 -9.88 11.88
C GLY B 227 17.01 -8.84 12.00
N THR B 228 15.84 -9.13 11.42
CA THR B 228 14.73 -8.19 11.46
C THR B 228 14.17 -8.09 12.87
N ALA B 229 14.07 -9.21 13.58
CA ALA B 229 13.64 -9.18 14.98
C ALA B 229 14.56 -8.34 15.86
N ILE B 230 15.86 -8.58 15.76
CA ILE B 230 16.83 -7.81 16.53
C ILE B 230 16.77 -6.31 16.19
N PHE B 231 16.74 -6.02 14.90
CA PHE B 231 16.61 -4.67 14.37
C PHE B 231 15.43 -3.94 15.03
N LEU B 232 14.25 -4.56 14.96
CA LEU B 232 13.06 -3.95 15.53
C LEU B 232 13.00 -4.04 17.06
N SER B 233 13.96 -4.74 17.68
CA SER B 233 14.01 -4.80 19.14
C SER B 233 15.06 -3.88 19.74
N SER B 234 15.85 -3.22 18.89
CA SER B 234 17.04 -2.52 19.37
C SER B 234 16.98 -1.01 19.10
N LYS B 235 18.02 -0.30 19.53
CA LYS B 235 18.09 1.15 19.35
C LYS B 235 18.06 1.53 17.88
N ALA B 236 18.46 0.59 17.02
CA ALA B 236 18.47 0.80 15.58
C ALA B 236 17.11 1.20 15.00
N SER B 237 16.03 0.90 15.72
CA SER B 237 14.69 1.18 15.24
C SER B 237 13.93 2.20 16.09
N ASP B 238 14.66 3.03 16.83
CA ASP B 238 14.03 4.00 17.75
C ASP B 238 13.08 5.00 17.06
N TYR B 239 13.34 5.33 15.80
CA TYR B 239 12.45 6.26 15.07
C TYR B 239 11.63 5.53 14.01
N ILE B 240 11.45 4.22 14.19
CA ILE B 240 10.57 3.44 13.30
C ILE B 240 9.35 3.03 14.09
N ASN B 241 8.16 3.30 13.55
CA ASN B 241 6.94 3.02 14.30
C ASN B 241 5.80 2.76 13.35
N GLY B 242 5.06 1.67 13.59
CA GLY B 242 3.88 1.36 12.79
C GLY B 242 4.16 0.77 11.42
N GLN B 243 5.38 0.30 11.20
CA GLN B 243 5.80 -0.27 9.91
C GLN B 243 5.74 -1.79 9.93
N ILE B 244 5.38 -2.40 8.80
CA ILE B 244 5.56 -3.83 8.63
C ILE B 244 6.66 -4.12 7.61
N ILE B 245 7.57 -5.02 7.98
CA ILE B 245 8.70 -5.35 7.13
C ILE B 245 8.51 -6.78 6.64
N TYR B 246 8.36 -6.96 5.34
CA TYR B 246 8.20 -8.30 4.78
C TYR B 246 9.55 -8.92 4.50
N VAL B 247 9.70 -10.18 4.89
CA VAL B 247 10.93 -10.93 4.70
C VAL B 247 10.58 -12.11 3.82
N ASP B 248 10.63 -11.89 2.52
CA ASP B 248 10.00 -12.80 1.56
C ASP B 248 10.82 -13.01 0.28
N GLY B 249 12.07 -12.57 0.32
CA GLY B 249 12.98 -12.75 -0.81
C GLY B 249 12.55 -11.99 -2.06
N GLY B 250 11.53 -11.15 -1.95
CA GLY B 250 11.05 -10.32 -3.05
C GLY B 250 9.65 -10.64 -3.54
N TRP B 251 8.98 -11.56 -2.84
CA TRP B 251 7.67 -12.04 -3.31
C TRP B 251 6.67 -10.92 -3.58
N LEU B 252 6.36 -10.12 -2.57
CA LEU B 252 5.36 -9.07 -2.71
C LEU B 252 5.77 -8.03 -3.75
N ALA B 253 7.07 -7.85 -3.93
CA ALA B 253 7.60 -6.85 -4.87
C ALA B 253 7.34 -7.21 -6.32
N VAL B 254 7.07 -8.49 -6.61
CA VAL B 254 6.95 -8.95 -7.99
C VAL B 254 5.53 -9.32 -8.39
N LEU B 255 5.14 -8.88 -9.58
CA LEU B 255 3.80 -9.09 -10.09
C LEU B 255 3.59 -10.56 -10.45
N ALA C 3 -27.23 14.50 -13.80
CA ALA C 3 -27.32 13.04 -13.79
C ALA C 3 -25.97 12.42 -13.47
N LEU C 4 -25.97 11.44 -12.56
CA LEU C 4 -24.76 10.98 -11.89
C LEU C 4 -23.58 10.50 -12.76
N PHE C 5 -23.87 9.70 -13.79
CA PHE C 5 -22.81 9.15 -14.64
C PHE C 5 -22.83 9.77 -16.04
N ASP C 6 -23.64 10.80 -16.21
CA ASP C 6 -23.77 11.46 -17.51
C ASP C 6 -22.68 12.50 -17.76
N LEU C 7 -22.04 12.42 -18.92
CA LEU C 7 -20.98 13.35 -19.29
C LEU C 7 -21.43 14.39 -20.33
N THR C 8 -22.75 14.55 -20.51
CA THR C 8 -23.23 15.50 -21.49
C THR C 8 -22.82 16.92 -21.08
N GLY C 9 -22.34 17.70 -22.06
CA GLY C 9 -21.90 19.06 -21.81
C GLY C 9 -20.42 19.14 -21.50
N LYS C 10 -19.79 17.99 -21.31
CA LYS C 10 -18.37 17.95 -21.00
C LYS C 10 -17.54 17.68 -22.25
N THR C 11 -16.34 18.25 -22.31
CA THR C 11 -15.41 17.94 -23.37
C THR C 11 -14.19 17.25 -22.78
N ALA C 12 -13.87 16.08 -23.30
CA ALA C 12 -12.73 15.31 -22.82
C ALA C 12 -11.63 15.24 -23.84
N LEU C 13 -10.39 15.25 -23.35
CA LEU C 13 -9.21 15.09 -24.18
C LEU C 13 -8.52 13.80 -23.72
N VAL C 14 -8.21 12.92 -24.66
CA VAL C 14 -7.55 11.64 -24.36
C VAL C 14 -6.30 11.50 -25.20
N THR C 15 -5.14 11.38 -24.56
CA THR C 15 -3.89 11.33 -25.31
C THR C 15 -3.55 9.89 -25.64
N GLY C 16 -2.78 9.66 -26.70
CA GLY C 16 -2.40 8.31 -27.09
C GLY C 16 -3.64 7.48 -27.42
N SER C 17 -4.62 8.11 -28.05
CA SER C 17 -5.90 7.46 -28.24
C SER C 17 -6.22 7.10 -29.68
N ALA C 18 -5.21 7.10 -30.56
CA ALA C 18 -5.44 6.65 -31.93
C ALA C 18 -5.83 5.17 -31.96
N ARG C 19 -5.28 4.38 -31.04
CA ARG C 19 -5.62 2.95 -30.94
C ARG C 19 -5.50 2.41 -29.53
N GLY C 20 -5.86 1.14 -29.35
CA GLY C 20 -5.74 0.50 -28.05
C GLY C 20 -6.68 1.04 -26.98
N LEU C 21 -6.27 0.94 -25.73
CA LEU C 21 -7.11 1.33 -24.60
C LEU C 21 -7.49 2.82 -24.65
N GLY C 22 -6.57 3.65 -25.16
CA GLY C 22 -6.85 5.07 -25.35
C GLY C 22 -8.08 5.29 -26.22
N PHE C 23 -8.15 4.54 -27.31
CA PHE C 23 -9.30 4.64 -28.19
C PHE C 23 -10.56 4.23 -27.43
N ALA C 24 -10.45 3.16 -26.65
CA ALA C 24 -11.61 2.65 -25.92
C ALA C 24 -12.12 3.65 -24.89
N TYR C 25 -11.19 4.31 -24.20
CA TYR C 25 -11.55 5.37 -23.25
C TYR C 25 -12.31 6.47 -23.98
N ALA C 26 -11.77 6.92 -25.11
CA ALA C 26 -12.43 7.96 -25.92
C ALA C 26 -13.82 7.54 -26.31
N GLU C 27 -13.96 6.33 -26.84
CA GLU C 27 -15.27 5.83 -27.25
C GLU C 27 -16.24 5.79 -26.06
N GLY C 28 -15.76 5.37 -24.90
CA GLY C 28 -16.58 5.23 -23.71
C GLY C 28 -17.08 6.55 -23.20
N LEU C 29 -16.21 7.55 -23.14
CA LEU C 29 -16.62 8.88 -22.67
C LEU C 29 -17.64 9.48 -23.64
N ALA C 30 -17.44 9.25 -24.93
CA ALA C 30 -18.39 9.73 -25.95
C ALA C 30 -19.76 9.10 -25.74
N ALA C 31 -19.76 7.79 -25.52
CA ALA C 31 -21.01 7.06 -25.33
C ALA C 31 -21.73 7.55 -24.07
N ALA C 32 -20.99 8.04 -23.09
CA ALA C 32 -21.60 8.60 -21.88
C ALA C 32 -22.07 10.04 -22.07
N GLY C 33 -21.83 10.60 -23.27
CA GLY C 33 -22.31 11.94 -23.60
C GLY C 33 -21.27 13.00 -23.89
N ALA C 34 -20.00 12.68 -23.64
CA ALA C 34 -18.95 13.69 -23.76
C ALA C 34 -18.60 13.97 -25.22
N ARG C 35 -18.19 15.21 -25.50
CA ARG C 35 -17.51 15.51 -26.75
C ARG C 35 -16.08 15.07 -26.53
N VAL C 36 -15.50 14.35 -27.48
CA VAL C 36 -14.16 13.80 -27.26
C VAL C 36 -13.13 14.33 -28.23
N ILE C 37 -11.98 14.73 -27.70
CA ILE C 37 -10.89 15.14 -28.54
C ILE C 37 -9.81 14.09 -28.42
N LEU C 38 -9.53 13.41 -29.52
CA LEU C 38 -8.49 12.38 -29.53
C LEU C 38 -7.15 12.99 -29.90
N ASN C 39 -6.13 12.65 -29.13
CA ASN C 39 -4.78 13.07 -29.45
C ASN C 39 -3.88 11.88 -29.67
N ASP C 40 -3.01 11.97 -30.67
CA ASP C 40 -1.95 10.98 -30.84
C ASP C 40 -0.83 11.63 -31.64
N ILE C 41 0.34 11.01 -31.67
CA ILE C 41 1.43 11.53 -32.47
C ILE C 41 1.32 11.01 -33.91
N ARG C 42 0.60 9.89 -34.07
CA ARG C 42 0.42 9.29 -35.38
C ARG C 42 -0.83 9.86 -36.07
N ALA C 43 -0.64 10.96 -36.80
CA ALA C 43 -1.73 11.71 -37.39
C ALA C 43 -2.60 10.90 -38.35
N THR C 44 -1.97 10.06 -39.16
CA THR C 44 -2.71 9.31 -40.19
C THR C 44 -3.82 8.48 -39.57
N LEU C 45 -3.48 7.51 -38.73
CA LEU C 45 -4.53 6.67 -38.19
C LEU C 45 -5.31 7.33 -37.04
N LEU C 46 -4.78 8.44 -36.51
CA LEU C 46 -5.58 9.28 -35.61
C LEU C 46 -6.82 9.80 -36.33
N ALA C 47 -6.63 10.33 -37.53
CA ALA C 47 -7.75 10.83 -38.34
C ALA C 47 -8.70 9.68 -38.67
N GLU C 48 -8.14 8.49 -38.84
CA GLU C 48 -8.91 7.30 -39.16
C GLU C 48 -9.81 6.90 -37.98
N SER C 49 -9.26 6.99 -36.76
CA SER C 49 -9.99 6.62 -35.56
C SER C 49 -11.11 7.62 -35.27
N VAL C 50 -10.80 8.91 -35.42
CA VAL C 50 -11.80 9.96 -35.24
C VAL C 50 -13.00 9.72 -36.17
N ASP C 51 -12.72 9.35 -37.42
CA ASP C 51 -13.79 9.13 -38.39
C ASP C 51 -14.66 7.93 -38.01
N THR C 52 -14.03 6.90 -37.45
CA THR C 52 -14.75 5.72 -36.97
C THR C 52 -15.76 6.09 -35.89
N LEU C 53 -15.30 6.88 -34.92
CA LEU C 53 -16.17 7.38 -33.85
C LEU C 53 -17.28 8.26 -34.40
N THR C 54 -16.91 9.11 -35.36
CA THR C 54 -17.88 9.97 -36.04
C THR C 54 -18.98 9.15 -36.75
N ARG C 55 -18.55 8.10 -37.45
CA ARG C 55 -19.48 7.22 -38.15
C ARG C 55 -20.46 6.54 -37.20
N LYS C 56 -20.05 6.44 -35.94
CA LYS C 56 -20.81 5.72 -34.93
C LYS C 56 -21.81 6.65 -34.25
N GLY C 57 -21.80 7.93 -34.64
CA GLY C 57 -22.70 8.91 -34.06
C GLY C 57 -22.10 9.83 -33.01
N TYR C 58 -20.81 9.63 -32.71
CA TYR C 58 -20.18 10.40 -31.64
C TYR C 58 -19.56 11.71 -32.14
N ASP C 59 -19.42 12.66 -31.21
CA ASP C 59 -18.87 13.98 -31.49
C ASP C 59 -17.37 13.95 -31.21
N ALA C 60 -16.61 13.50 -32.19
CA ALA C 60 -15.17 13.27 -32.00
C ALA C 60 -14.35 14.19 -32.88
N HIS C 61 -13.16 14.56 -32.41
CA HIS C 61 -12.24 15.41 -33.14
C HIS C 61 -10.82 14.93 -32.87
N GLY C 62 -9.88 15.29 -33.74
CA GLY C 62 -8.50 14.88 -33.54
C GLY C 62 -7.54 16.04 -33.48
N VAL C 63 -6.62 16.01 -32.52
CA VAL C 63 -5.57 17.02 -32.46
C VAL C 63 -4.25 16.29 -32.25
N ALA C 64 -3.38 16.32 -33.25
CA ALA C 64 -2.12 15.57 -33.16
C ALA C 64 -0.98 16.44 -32.65
N PHE C 65 -0.32 15.97 -31.60
CA PHE C 65 0.87 16.64 -31.07
C PHE C 65 1.65 15.68 -30.18
N ASP C 66 2.95 15.93 -30.08
CA ASP C 66 3.85 15.13 -29.25
C ASP C 66 3.70 15.58 -27.80
N VAL C 67 3.32 14.65 -26.92
CA VAL C 67 3.03 15.00 -25.52
C VAL C 67 4.28 15.20 -24.66
N THR C 68 5.44 15.08 -25.28
CA THR C 68 6.71 15.37 -24.63
C THR C 68 7.32 16.69 -25.13
N ASP C 69 6.54 17.39 -25.96
CA ASP C 69 6.96 18.67 -26.52
C ASP C 69 6.08 19.75 -25.91
N GLU C 70 6.61 20.48 -24.93
CA GLU C 70 5.82 21.50 -24.25
C GLU C 70 5.32 22.61 -25.19
N LEU C 71 6.10 22.95 -26.21
CA LEU C 71 5.66 23.98 -27.16
C LEU C 71 4.46 23.52 -27.99
N ALA C 72 4.48 22.26 -28.42
CA ALA C 72 3.37 21.69 -29.18
C ALA C 72 2.11 21.59 -28.33
N ILE C 73 2.29 21.20 -27.08
CA ILE C 73 1.20 21.17 -26.12
C ILE C 73 0.60 22.57 -25.94
N GLU C 74 1.42 23.58 -25.61
CA GLU C 74 0.88 24.92 -25.42
C GLU C 74 0.21 25.45 -26.70
N ALA C 75 0.78 25.14 -27.86
CA ALA C 75 0.18 25.58 -29.13
C ALA C 75 -1.17 24.93 -29.37
N ALA C 76 -1.29 23.65 -29.01
CA ALA C 76 -2.54 22.90 -29.17
C ALA C 76 -3.62 23.45 -28.24
N PHE C 77 -3.27 23.66 -26.99
CA PHE C 77 -4.21 24.26 -26.04
C PHE C 77 -4.50 25.73 -26.38
N SER C 78 -3.50 26.46 -26.86
CA SER C 78 -3.72 27.85 -27.30
C SER C 78 -4.72 27.92 -28.44
N LYS C 79 -4.74 26.90 -29.29
CA LYS C 79 -5.74 26.85 -30.34
C LYS C 79 -7.11 26.64 -29.71
N LEU C 80 -7.20 25.61 -28.86
CA LEU C 80 -8.41 25.35 -28.10
C LEU C 80 -8.89 26.61 -27.35
N ASP C 81 -7.94 27.44 -26.93
CA ASP C 81 -8.23 28.74 -26.31
C ASP C 81 -8.84 29.73 -27.30
N ALA C 82 -8.35 29.74 -28.53
CA ALA C 82 -8.78 30.74 -29.52
C ALA C 82 -10.20 30.47 -30.00
N GLU C 83 -10.59 29.20 -29.98
CA GLU C 83 -11.99 28.81 -30.12
C GLU C 83 -12.55 28.70 -28.71
N GLY C 84 -13.79 28.25 -28.58
CA GLY C 84 -14.38 28.12 -27.25
C GLY C 84 -14.36 26.71 -26.71
N ILE C 85 -13.21 26.05 -26.75
CA ILE C 85 -13.13 24.67 -26.27
C ILE C 85 -12.50 24.58 -24.88
N HIS C 86 -13.30 24.12 -23.92
CA HIS C 86 -12.85 23.87 -22.56
C HIS C 86 -12.64 22.39 -22.40
N VAL C 87 -11.42 21.98 -22.07
CA VAL C 87 -11.19 20.59 -21.72
C VAL C 87 -11.53 20.41 -20.24
N ASP C 88 -12.62 19.68 -19.98
CA ASP C 88 -13.15 19.48 -18.65
C ASP C 88 -12.63 18.18 -18.06
N ILE C 89 -12.29 17.25 -18.95
CA ILE C 89 -11.79 15.94 -18.58
C ILE C 89 -10.52 15.65 -19.38
N LEU C 90 -9.46 15.27 -18.68
CA LEU C 90 -8.23 14.84 -19.35
C LEU C 90 -7.90 13.41 -18.95
N ILE C 91 -7.65 12.55 -19.93
CA ILE C 91 -7.09 11.25 -19.66
C ILE C 91 -5.69 11.16 -20.26
N ASN C 92 -4.70 10.95 -19.41
CA ASN C 92 -3.31 10.90 -19.84
C ASN C 92 -2.90 9.44 -20.16
N ASN C 93 -3.33 8.95 -21.31
CA ASN C 93 -3.06 7.56 -21.67
C ASN C 93 -1.75 7.35 -22.45
N ALA C 94 -1.20 8.44 -22.98
CA ALA C 94 0.03 8.36 -23.75
C ALA C 94 1.18 7.74 -22.94
N GLY C 95 2.03 6.99 -23.63
CA GLY C 95 3.19 6.37 -23.01
C GLY C 95 3.62 5.15 -23.82
N ILE C 96 4.91 4.96 -23.99
CA ILE C 96 5.38 3.78 -24.69
C ILE C 96 5.87 2.70 -23.74
N GLN C 97 6.02 1.49 -24.28
CA GLN C 97 6.61 0.38 -23.55
C GLN C 97 7.94 0.04 -24.22
N TYR C 98 8.90 -0.47 -23.43
CA TYR C 98 10.17 -0.96 -23.97
C TYR C 98 10.69 -2.11 -23.11
N ARG C 99 10.79 -3.30 -23.69
CA ARG C 99 11.16 -4.48 -22.92
C ARG C 99 12.65 -4.77 -23.08
N LYS C 100 13.35 -4.78 -21.95
CA LYS C 100 14.78 -5.05 -21.94
C LYS C 100 15.25 -5.13 -20.48
N PRO C 101 16.04 -6.16 -20.14
CA PRO C 101 16.62 -6.24 -18.80
C PRO C 101 17.45 -4.99 -18.52
N MET C 102 17.46 -4.51 -17.28
CA MET C 102 18.22 -3.30 -16.95
C MET C 102 19.71 -3.32 -17.31
N VAL C 103 20.37 -4.47 -17.16
CA VAL C 103 21.80 -4.49 -17.45
C VAL C 103 22.10 -4.35 -18.93
N GLU C 104 21.07 -4.46 -19.77
CA GLU C 104 21.25 -4.31 -21.22
C GLU C 104 20.51 -3.08 -21.75
N LEU C 105 19.87 -2.34 -20.86
CA LEU C 105 18.98 -1.23 -21.24
C LEU C 105 19.78 0.02 -21.53
N GLU C 106 19.65 0.55 -22.74
CA GLU C 106 20.31 1.80 -23.08
C GLU C 106 19.56 2.98 -22.45
N LEU C 107 20.32 3.96 -21.98
CA LEU C 107 19.75 5.16 -21.35
C LEU C 107 18.73 5.84 -22.24
N GLU C 108 19.02 5.88 -23.54
CA GLU C 108 18.12 6.49 -24.53
C GLU C 108 16.70 5.95 -24.39
N ASN C 109 16.60 4.65 -24.19
CA ASN C 109 15.31 3.97 -24.13
C ASN C 109 14.66 4.11 -22.76
N TRP C 110 15.46 4.05 -21.70
CA TRP C 110 14.97 4.37 -20.37
C TRP C 110 14.31 5.76 -20.42
N GLN C 111 15.01 6.71 -21.00
CA GLN C 111 14.55 8.10 -20.97
C GLN C 111 13.27 8.30 -21.80
N LYS C 112 13.19 7.63 -22.93
CA LYS C 112 12.01 7.72 -23.78
C LYS C 112 10.78 7.17 -23.06
N VAL C 113 10.96 6.10 -22.30
CA VAL C 113 9.84 5.55 -21.54
C VAL C 113 9.42 6.52 -20.43
N ILE C 114 10.38 7.05 -19.68
CA ILE C 114 10.08 8.06 -18.64
C ILE C 114 9.41 9.31 -19.22
N ASP C 115 9.96 9.83 -20.30
CA ASP C 115 9.41 11.06 -20.87
C ASP C 115 7.98 10.86 -21.36
N THR C 116 7.74 9.77 -22.08
CA THR C 116 6.44 9.53 -22.71
C THR C 116 5.35 9.11 -21.72
N ASN C 117 5.74 8.46 -20.62
CA ASN C 117 4.77 8.07 -19.61
C ASN C 117 4.56 9.09 -18.49
N LEU C 118 5.66 9.59 -17.95
CA LEU C 118 5.60 10.35 -16.70
C LEU C 118 5.63 11.85 -16.95
N THR C 119 6.65 12.31 -17.67
CA THR C 119 6.76 13.73 -17.98
C THR C 119 5.57 14.22 -18.80
N SER C 120 5.08 13.40 -19.74
CA SER C 120 3.94 13.78 -20.57
C SER C 120 2.74 14.09 -19.70
N ALA C 121 2.52 13.27 -18.67
CA ALA C 121 1.37 13.46 -17.79
C ALA C 121 1.46 14.76 -17.00
N PHE C 122 2.67 15.14 -16.59
CA PHE C 122 2.87 16.43 -15.93
C PHE C 122 2.57 17.58 -16.88
N LEU C 123 3.18 17.55 -18.07
CA LEU C 123 3.04 18.65 -19.02
C LEU C 123 1.61 18.84 -19.50
N VAL C 124 0.93 17.76 -19.85
CA VAL C 124 -0.41 17.92 -20.40
C VAL C 124 -1.38 18.36 -19.31
N SER C 125 -1.23 17.80 -18.11
CA SER C 125 -2.09 18.19 -16.99
C SER C 125 -1.85 19.64 -16.58
N ARG C 126 -0.59 20.09 -16.62
CA ARG C 126 -0.28 21.48 -16.26
C ARG C 126 -1.07 22.47 -17.11
N SER C 127 -1.09 22.24 -18.42
CA SER C 127 -1.83 23.10 -19.32
C SER C 127 -3.33 22.99 -19.09
N ALA C 128 -3.81 21.76 -18.92
CA ALA C 128 -5.24 21.55 -18.69
C ALA C 128 -5.71 22.16 -17.36
N ALA C 129 -4.97 21.89 -16.29
CA ALA C 129 -5.35 22.33 -14.96
C ALA C 129 -5.40 23.85 -14.84
N LYS C 130 -4.42 24.52 -15.45
CA LYS C 130 -4.36 25.99 -15.42
C LYS C 130 -5.68 26.58 -15.88
N ARG C 131 -6.22 26.04 -16.96
CA ARG C 131 -7.44 26.54 -17.56
C ARG C 131 -8.66 26.16 -16.72
N MET C 132 -8.67 24.95 -16.18
CA MET C 132 -9.70 24.52 -15.25
C MET C 132 -9.77 25.44 -14.02
N ILE C 133 -8.60 25.77 -13.49
CA ILE C 133 -8.49 26.67 -12.34
C ILE C 133 -8.97 28.09 -12.68
N ALA C 134 -8.57 28.59 -13.85
CA ALA C 134 -8.98 29.93 -14.28
C ALA C 134 -10.49 30.03 -14.51
N ARG C 135 -11.06 29.00 -15.13
CA ARG C 135 -12.50 28.98 -15.37
C ARG C 135 -13.25 28.75 -14.07
N ASN C 136 -12.57 28.14 -13.10
CA ASN C 136 -13.18 27.75 -11.82
C ASN C 136 -14.46 26.97 -12.06
N SER C 137 -14.40 26.03 -12.99
CA SER C 137 -15.56 25.21 -13.30
C SER C 137 -15.26 23.76 -12.94
N GLY C 138 -14.21 23.56 -12.13
CA GLY C 138 -13.78 22.24 -11.75
C GLY C 138 -13.20 21.48 -12.92
N GLY C 139 -12.82 20.23 -12.69
CA GLY C 139 -12.29 19.41 -13.75
C GLY C 139 -12.00 18.01 -13.25
N LYS C 140 -11.66 17.12 -14.19
CA LYS C 140 -11.31 15.74 -13.87
C LYS C 140 -10.05 15.39 -14.65
N ILE C 141 -9.08 14.82 -13.97
CA ILE C 141 -7.87 14.36 -14.62
C ILE C 141 -7.67 12.90 -14.23
N ILE C 142 -7.49 12.05 -15.23
CA ILE C 142 -7.27 10.63 -14.98
C ILE C 142 -5.94 10.22 -15.59
N ASN C 143 -5.00 9.85 -14.73
CA ASN C 143 -3.72 9.34 -15.20
C ASN C 143 -3.84 7.83 -15.40
N ILE C 144 -2.97 7.28 -16.23
CA ILE C 144 -3.02 5.84 -16.48
C ILE C 144 -1.79 5.18 -15.86
N GLY C 145 -2.03 4.35 -14.84
CA GLY C 145 -0.97 3.62 -14.19
C GLY C 145 -0.91 2.24 -14.82
N SER C 146 -0.60 1.23 -14.01
CA SER C 146 -0.44 -0.14 -14.50
C SER C 146 -0.40 -1.01 -13.25
N LEU C 147 -0.49 -2.33 -13.41
CA LEU C 147 -0.26 -3.20 -12.26
C LEU C 147 1.15 -2.93 -11.73
N THR C 148 2.04 -2.45 -12.60
CA THR C 148 3.39 -2.12 -12.19
C THR C 148 3.50 -0.82 -11.39
N SER C 149 2.39 -0.12 -11.17
CA SER C 149 2.38 0.95 -10.17
C SER C 149 2.48 0.37 -8.76
N GLN C 150 2.29 -0.95 -8.64
CA GLN C 150 2.29 -1.61 -7.32
C GLN C 150 3.28 -2.76 -7.20
N ALA C 151 3.45 -3.54 -8.27
CA ALA C 151 4.36 -4.69 -8.23
C ALA C 151 5.08 -4.83 -9.57
N ALA C 152 6.35 -5.22 -9.52
CA ALA C 152 7.21 -5.15 -10.71
C ALA C 152 7.20 -6.41 -11.56
N ARG C 153 7.54 -6.24 -12.84
CA ARG C 153 7.83 -7.37 -13.70
C ARG C 153 9.23 -7.21 -14.30
N PRO C 154 9.98 -8.32 -14.42
CA PRO C 154 11.32 -8.21 -15.03
C PRO C 154 11.23 -7.74 -16.46
N THR C 155 12.27 -7.03 -16.94
CA THR C 155 12.40 -6.51 -18.30
C THR C 155 11.59 -5.24 -18.59
N VAL C 156 10.76 -4.78 -17.66
CA VAL C 156 10.03 -3.52 -17.87
C VAL C 156 10.26 -2.50 -16.77
N ALA C 157 11.51 -2.33 -16.36
CA ALA C 157 11.85 -1.42 -15.27
C ALA C 157 11.55 0.07 -15.52
N PRO C 158 11.91 0.61 -16.70
CA PRO C 158 11.57 2.04 -16.84
C PRO C 158 10.06 2.27 -16.83
N TYR C 159 9.31 1.34 -17.41
CA TYR C 159 7.85 1.47 -17.44
C TYR C 159 7.32 1.37 -16.01
N THR C 160 7.88 0.43 -15.26
CA THR C 160 7.47 0.24 -13.87
C THR C 160 7.78 1.48 -13.05
N ALA C 161 9.00 1.99 -13.17
CA ALA C 161 9.37 3.24 -12.50
C ALA C 161 8.46 4.39 -12.90
N ALA C 162 8.20 4.52 -14.21
CA ALA C 162 7.30 5.57 -14.71
C ALA C 162 5.91 5.43 -14.11
N LYS C 163 5.40 4.20 -14.03
CA LYS C 163 4.04 3.98 -13.55
C LYS C 163 3.91 4.13 -12.03
N GLY C 164 4.95 3.76 -11.27
CA GLY C 164 4.97 4.09 -9.85
C GLY C 164 4.98 5.59 -9.65
N GLY C 165 5.69 6.28 -10.54
CA GLY C 165 5.75 7.74 -10.53
C GLY C 165 4.40 8.36 -10.83
N ILE C 166 3.68 7.78 -11.79
CA ILE C 166 2.34 8.24 -12.13
C ILE C 166 1.40 8.13 -10.94
N LYS C 167 1.51 7.02 -10.20
CA LYS C 167 0.71 6.80 -9.00
C LYS C 167 0.89 7.95 -8.01
N MET C 168 2.13 8.34 -7.75
CA MET C 168 2.39 9.41 -6.78
C MET C 168 2.17 10.79 -7.38
N LEU C 169 2.40 10.94 -8.68
CA LEU C 169 2.06 12.21 -9.34
C LEU C 169 0.56 12.49 -9.24
N THR C 170 -0.22 11.43 -9.31
CA THR C 170 -1.67 11.54 -9.14
C THR C 170 -2.00 12.10 -7.76
N CYS C 171 -1.30 11.62 -6.74
CA CYS C 171 -1.45 12.14 -5.37
C CYS C 171 -1.04 13.61 -5.29
N SER C 172 0.01 13.99 -6.01
CA SER C 172 0.42 15.41 -6.03
C SER C 172 -0.65 16.32 -6.62
N MET C 173 -1.28 15.87 -7.70
CA MET C 173 -2.32 16.66 -8.36
C MET C 173 -3.54 16.81 -7.46
N ALA C 174 -3.86 15.76 -6.72
CA ALA C 174 -4.93 15.87 -5.72
C ALA C 174 -4.48 16.88 -4.66
N ALA C 175 -3.24 16.77 -4.23
CA ALA C 175 -2.74 17.66 -3.18
C ALA C 175 -2.81 19.15 -3.60
N GLU C 176 -2.40 19.45 -4.82
CA GLU C 176 -2.34 20.85 -5.27
C GLU C 176 -3.64 21.39 -5.86
N TRP C 177 -4.46 20.51 -6.45
CA TRP C 177 -5.62 21.01 -7.22
C TRP C 177 -7.02 20.68 -6.66
N ALA C 178 -7.11 19.77 -5.70
CA ALA C 178 -8.42 19.44 -5.11
C ALA C 178 -9.16 20.67 -4.59
N GLN C 179 -8.41 21.66 -4.10
CA GLN C 179 -9.00 22.89 -3.59
C GLN C 179 -9.72 23.69 -4.68
N PHE C 180 -9.39 23.45 -5.94
CA PHE C 180 -10.07 24.12 -7.05
C PHE C 180 -11.14 23.22 -7.66
N ASN C 181 -11.56 22.23 -6.89
CA ASN C 181 -12.57 21.28 -7.34
C ASN C 181 -12.16 20.51 -8.59
N ILE C 182 -10.87 20.19 -8.69
CA ILE C 182 -10.41 19.26 -9.71
C ILE C 182 -10.10 17.93 -9.05
N GLN C 183 -10.70 16.84 -9.53
CA GLN C 183 -10.37 15.52 -9.01
C GLN C 183 -9.44 14.82 -9.97
N THR C 184 -8.26 14.44 -9.45
CA THR C 184 -7.27 13.71 -10.22
C THR C 184 -7.11 12.34 -9.61
N ASN C 185 -7.39 11.31 -10.43
CA ASN C 185 -7.29 9.92 -10.00
C ASN C 185 -6.59 9.14 -11.10
N ALA C 186 -6.48 7.83 -10.91
CA ALA C 186 -5.77 7.00 -11.88
C ALA C 186 -6.43 5.65 -12.10
N ILE C 187 -6.21 5.08 -13.27
CA ILE C 187 -6.70 3.73 -13.53
C ILE C 187 -5.48 2.87 -13.71
N GLY C 188 -5.45 1.72 -13.03
CA GLY C 188 -4.36 0.78 -13.23
C GLY C 188 -4.88 -0.45 -13.96
N PRO C 189 -4.76 -0.48 -15.30
CA PRO C 189 -5.33 -1.64 -15.99
C PRO C 189 -4.50 -2.89 -15.73
N GLY C 190 -5.17 -4.03 -15.63
CA GLY C 190 -4.49 -5.32 -15.54
C GLY C 190 -4.06 -5.79 -16.91
N TYR C 191 -4.14 -7.08 -17.15
CA TYR C 191 -3.78 -7.61 -18.47
C TYR C 191 -5.04 -7.67 -19.33
N ILE C 192 -5.08 -6.82 -20.35
CA ILE C 192 -6.28 -6.61 -21.15
C ILE C 192 -6.00 -7.07 -22.57
N LEU C 193 -7.01 -7.59 -23.25
CA LEU C 193 -6.86 -7.96 -24.65
C LEU C 193 -6.82 -6.69 -25.51
N THR C 194 -5.61 -6.26 -25.87
CA THR C 194 -5.39 -5.07 -26.68
C THR C 194 -4.15 -5.25 -27.53
N ASP C 195 -4.01 -4.41 -28.56
CA ASP C 195 -2.88 -4.46 -29.48
C ASP C 195 -1.51 -4.48 -28.82
N MET C 196 -1.30 -3.66 -27.80
CA MET C 196 0.03 -3.57 -27.18
C MET C 196 0.40 -4.86 -26.45
N ASN C 197 -0.58 -5.75 -26.27
CA ASN C 197 -0.33 -7.04 -25.63
C ASN C 197 -0.38 -8.25 -26.57
N THR C 198 -0.34 -8.02 -27.88
CA THR C 198 -0.47 -9.11 -28.87
C THR C 198 0.55 -10.24 -28.68
N ALA C 199 1.80 -9.88 -28.44
CA ALA C 199 2.86 -10.88 -28.28
C ALA C 199 2.60 -11.69 -27.02
N LEU C 200 2.23 -11.01 -25.95
CA LEU C 200 1.91 -11.65 -24.68
C LEU C 200 0.73 -12.62 -24.83
N ILE C 201 -0.33 -12.14 -25.48
CA ILE C 201 -1.56 -12.91 -25.67
C ILE C 201 -1.32 -14.19 -26.49
N GLU C 202 -0.43 -14.11 -27.46
CA GLU C 202 -0.19 -15.25 -28.35
C GLU C 202 0.84 -16.25 -27.84
N ASP C 203 1.58 -15.89 -26.80
CA ASP C 203 2.48 -16.84 -26.16
C ASP C 203 1.68 -17.71 -25.20
N LYS C 204 1.54 -18.98 -25.56
CA LYS C 204 0.75 -19.95 -24.79
C LYS C 204 1.09 -19.94 -23.29
N GLN C 205 2.39 -19.81 -22.98
CA GLN C 205 2.82 -19.79 -21.58
C GLN C 205 2.41 -18.53 -20.85
N PHE C 206 2.55 -17.38 -21.50
CA PHE C 206 2.19 -16.14 -20.84
C PHE C 206 0.69 -16.13 -20.60
N ASP C 207 -0.06 -16.60 -21.58
CA ASP C 207 -1.51 -16.70 -21.48
C ASP C 207 -1.89 -17.54 -20.26
N SER C 208 -1.22 -18.68 -20.11
CA SER C 208 -1.50 -19.57 -18.99
C SER C 208 -1.15 -18.91 -17.67
N TRP C 209 -0.05 -18.14 -17.67
CA TRP C 209 0.39 -17.44 -16.48
C TRP C 209 -0.60 -16.36 -16.08
N VAL C 210 -1.13 -15.62 -17.05
CA VAL C 210 -2.14 -14.61 -16.74
C VAL C 210 -3.36 -15.28 -16.10
N LYS C 211 -3.84 -16.37 -16.68
CA LYS C 211 -5.06 -16.99 -16.17
C LYS C 211 -4.89 -17.64 -14.79
N SER C 212 -3.67 -18.05 -14.46
CA SER C 212 -3.40 -18.63 -13.15
C SER C 212 -3.09 -17.55 -12.10
N SER C 213 -2.87 -16.31 -12.55
CA SER C 213 -2.46 -15.25 -11.64
C SER C 213 -3.60 -14.33 -11.24
N THR C 214 -4.65 -14.30 -12.05
CA THR C 214 -5.83 -13.53 -11.67
C THR C 214 -6.97 -14.49 -11.36
N PRO C 215 -7.64 -14.29 -10.21
CA PRO C 215 -8.63 -15.27 -9.78
C PRO C 215 -9.84 -15.29 -10.70
N SER C 216 -9.99 -14.28 -11.56
CA SER C 216 -11.06 -14.31 -12.57
C SER C 216 -10.68 -15.26 -13.71
N GLN C 217 -9.43 -15.71 -13.71
CA GLN C 217 -8.95 -16.73 -14.65
C GLN C 217 -9.09 -16.34 -16.12
N ARG C 218 -8.95 -15.06 -16.41
CA ARG C 218 -9.11 -14.56 -17.77
C ARG C 218 -8.50 -13.17 -17.90
N TRP C 219 -8.17 -12.81 -19.13
CA TRP C 219 -7.77 -11.44 -19.46
C TRP C 219 -9.01 -10.56 -19.40
N GLY C 220 -8.82 -9.26 -19.17
CA GLY C 220 -9.91 -8.30 -19.26
C GLY C 220 -10.13 -7.90 -20.71
N ARG C 221 -11.29 -7.29 -21.01
CA ARG C 221 -11.53 -6.72 -22.33
C ARG C 221 -11.43 -5.20 -22.23
N PRO C 222 -11.12 -4.51 -23.34
CA PRO C 222 -10.98 -3.06 -23.26
C PRO C 222 -12.26 -2.38 -22.77
N GLU C 223 -13.45 -2.86 -23.17
CA GLU C 223 -14.66 -2.21 -22.70
C GLU C 223 -14.89 -2.40 -21.20
N GLU C 224 -14.10 -3.26 -20.56
CA GLU C 224 -14.22 -3.44 -19.12
C GLU C 224 -13.43 -2.39 -18.36
N LEU C 225 -12.78 -1.49 -19.09
CA LEU C 225 -12.12 -0.32 -18.49
C LEU C 225 -12.97 0.94 -18.58
N ILE C 226 -13.99 0.89 -19.42
CA ILE C 226 -14.79 2.08 -19.74
C ILE C 226 -15.57 2.62 -18.54
N GLY C 227 -16.16 1.71 -17.76
CA GLY C 227 -16.91 2.08 -16.57
C GLY C 227 -16.09 2.91 -15.60
N THR C 228 -14.86 2.46 -15.34
CA THR C 228 -13.96 3.15 -14.43
C THR C 228 -13.61 4.53 -14.98
N ALA C 229 -13.38 4.63 -16.29
CA ALA C 229 -13.11 5.93 -16.91
C ALA C 229 -14.30 6.90 -16.76
N ILE C 230 -15.49 6.43 -17.10
CA ILE C 230 -16.69 7.26 -16.98
C ILE C 230 -16.92 7.65 -15.50
N PHE C 231 -16.75 6.67 -14.62
CA PHE C 231 -16.86 6.88 -13.17
C PHE C 231 -15.93 8.00 -12.69
N LEU C 232 -14.65 7.94 -13.06
CA LEU C 232 -13.69 8.95 -12.63
C LEU C 232 -13.85 10.28 -13.38
N SER C 233 -14.68 10.30 -14.43
CA SER C 233 -14.89 11.52 -15.18
C SER C 233 -16.18 12.22 -14.77
N SER C 234 -17.00 11.56 -13.95
CA SER C 234 -18.37 12.02 -13.71
C SER C 234 -18.57 12.54 -12.29
N LYS C 235 -19.78 13.04 -12.03
CA LYS C 235 -20.12 13.54 -10.69
C LYS C 235 -19.93 12.49 -9.60
N ALA C 236 -19.94 11.22 -9.98
CA ALA C 236 -19.77 10.13 -9.02
C ALA C 236 -18.43 10.17 -8.31
N SER C 237 -17.44 10.83 -8.92
CA SER C 237 -16.11 10.89 -8.33
C SER C 237 -15.78 12.25 -7.72
N ASP C 238 -16.81 13.05 -7.43
CA ASP C 238 -16.57 14.40 -6.89
C ASP C 238 -15.75 14.43 -5.59
N TYR C 239 -15.90 13.43 -4.73
CA TYR C 239 -15.14 13.38 -3.47
C TYR C 239 -14.09 12.26 -3.50
N ILE C 240 -13.69 11.84 -4.70
CA ILE C 240 -12.57 10.90 -4.85
C ILE C 240 -11.38 11.66 -5.44
N ASN C 241 -10.24 11.61 -4.76
CA ASN C 241 -9.08 12.37 -5.20
C ASN C 241 -7.79 11.67 -4.83
N GLY C 242 -6.87 11.59 -5.78
CA GLY C 242 -5.58 10.96 -5.56
C GLY C 242 -5.59 9.44 -5.47
N GLN C 243 -6.65 8.81 -5.97
CA GLN C 243 -6.77 7.35 -5.88
C GLN C 243 -6.42 6.66 -7.18
N ILE C 244 -5.90 5.44 -7.09
CA ILE C 244 -5.73 4.60 -8.27
C ILE C 244 -6.61 3.37 -8.14
N ILE C 245 -7.43 3.12 -9.15
CA ILE C 245 -8.30 1.96 -9.14
C ILE C 245 -7.74 0.94 -10.12
N TYR C 246 -7.40 -0.24 -9.61
CA TYR C 246 -6.86 -1.29 -10.44
C TYR C 246 -8.03 -2.11 -11.02
N VAL C 247 -7.93 -2.44 -12.30
CA VAL C 247 -8.96 -3.19 -13.00
C VAL C 247 -8.28 -4.41 -13.55
N ASP C 248 -8.22 -5.46 -12.73
CA ASP C 248 -7.29 -6.57 -13.00
C ASP C 248 -7.87 -7.95 -12.71
N GLY C 249 -9.16 -8.01 -12.44
CA GLY C 249 -9.83 -9.28 -12.21
C GLY C 249 -9.48 -9.89 -10.87
N GLY C 250 -8.70 -9.16 -10.06
CA GLY C 250 -8.31 -9.61 -8.74
C GLY C 250 -6.84 -9.97 -8.59
N TRP C 251 -6.03 -9.67 -9.61
CA TRP C 251 -4.61 -10.06 -9.62
C TRP C 251 -3.86 -9.58 -8.36
N LEU C 252 -3.86 -8.28 -8.12
CA LEU C 252 -3.09 -7.73 -6.99
C LEU C 252 -3.58 -8.24 -5.64
N ALA C 253 -4.87 -8.60 -5.58
CA ALA C 253 -5.49 -9.08 -4.36
C ALA C 253 -5.01 -10.47 -3.94
N VAL C 254 -4.43 -11.23 -4.87
CA VAL C 254 -4.08 -12.63 -4.61
C VAL C 254 -2.58 -12.86 -4.53
N LEU C 255 -2.15 -13.55 -3.48
CA LEU C 255 -0.73 -13.75 -3.21
C LEU C 255 -0.09 -14.59 -4.30
N ALA D 3 -27.30 -2.10 -19.83
CA ALA D 3 -26.67 -0.79 -19.70
C ALA D 3 -25.66 -0.78 -18.56
N LEU D 4 -24.61 0.04 -18.70
CA LEU D 4 -23.42 -0.07 -17.87
C LEU D 4 -23.62 0.14 -16.36
N PHE D 5 -24.45 1.10 -15.98
CA PHE D 5 -24.63 1.39 -14.55
C PHE D 5 -26.05 1.06 -14.06
N ASP D 6 -26.87 0.50 -14.95
CA ASP D 6 -28.23 0.15 -14.59
C ASP D 6 -28.29 -1.10 -13.71
N LEU D 7 -29.04 -1.03 -12.60
CA LEU D 7 -29.14 -2.18 -11.71
C LEU D 7 -30.50 -2.88 -11.80
N THR D 8 -31.29 -2.53 -12.82
CA THR D 8 -32.60 -3.14 -12.97
C THR D 8 -32.45 -4.66 -13.12
N GLY D 9 -33.24 -5.41 -12.37
CA GLY D 9 -33.17 -6.86 -12.40
C GLY D 9 -32.32 -7.42 -11.29
N LYS D 10 -31.69 -6.55 -10.51
CA LYS D 10 -30.83 -6.97 -9.40
C LYS D 10 -31.50 -6.65 -8.07
N THR D 11 -31.35 -7.55 -7.10
CA THR D 11 -31.82 -7.29 -5.76
C THR D 11 -30.62 -7.14 -4.84
N ALA D 12 -30.61 -6.07 -4.04
CA ALA D 12 -29.50 -5.80 -3.13
C ALA D 12 -29.92 -5.88 -1.69
N LEU D 13 -29.01 -6.41 -0.87
CA LEU D 13 -29.18 -6.41 0.57
C LEU D 13 -28.09 -5.53 1.18
N VAL D 14 -28.49 -4.54 1.97
CA VAL D 14 -27.55 -3.66 2.67
C VAL D 14 -27.73 -3.82 4.18
N THR D 15 -26.71 -4.29 4.87
CA THR D 15 -26.85 -4.49 6.32
C THR D 15 -26.66 -3.15 7.04
N GLY D 16 -27.34 -2.98 8.17
CA GLY D 16 -27.18 -1.78 8.98
C GLY D 16 -27.61 -0.55 8.22
N SER D 17 -28.77 -0.64 7.56
CA SER D 17 -29.20 0.40 6.63
C SER D 17 -30.50 1.09 7.05
N ALA D 18 -30.87 0.94 8.32
CA ALA D 18 -32.04 1.65 8.83
C ALA D 18 -31.76 3.15 8.83
N ARG D 19 -30.51 3.50 9.12
CA ARG D 19 -30.08 4.90 9.20
C ARG D 19 -28.67 5.11 8.62
N GLY D 20 -28.26 6.37 8.53
CA GLY D 20 -26.90 6.73 8.18
C GLY D 20 -26.47 6.34 6.79
N LEU D 21 -25.19 6.05 6.61
CA LEU D 21 -24.64 5.75 5.29
C LEU D 21 -25.26 4.51 4.66
N GLY D 22 -25.70 3.55 5.48
CA GLY D 22 -26.32 2.34 4.97
C GLY D 22 -27.65 2.62 4.30
N PHE D 23 -28.40 3.54 4.89
CA PHE D 23 -29.67 3.98 4.30
C PHE D 23 -29.40 4.71 3.00
N ALA D 24 -28.31 5.49 2.96
CA ALA D 24 -27.94 6.20 1.74
C ALA D 24 -27.63 5.22 0.61
N TYR D 25 -26.80 4.23 0.91
CA TYR D 25 -26.47 3.19 -0.06
C TYR D 25 -27.74 2.56 -0.62
N ALA D 26 -28.66 2.19 0.27
CA ALA D 26 -29.91 1.55 -0.13
C ALA D 26 -30.70 2.44 -1.10
N GLU D 27 -30.89 3.70 -0.72
CA GLU D 27 -31.59 4.65 -1.59
C GLU D 27 -30.85 4.81 -2.93
N GLY D 28 -29.53 4.86 -2.85
CA GLY D 28 -28.69 4.96 -4.04
C GLY D 28 -28.86 3.81 -5.01
N LEU D 29 -28.85 2.58 -4.50
CA LEU D 29 -29.02 1.41 -5.36
C LEU D 29 -30.43 1.39 -5.95
N ALA D 30 -31.42 1.78 -5.16
CA ALA D 30 -32.81 1.79 -5.60
C ALA D 30 -32.98 2.76 -6.74
N ALA D 31 -32.37 3.93 -6.61
CA ALA D 31 -32.42 4.94 -7.65
C ALA D 31 -31.77 4.47 -8.95
N ALA D 32 -30.79 3.57 -8.86
CA ALA D 32 -30.16 3.01 -10.06
C ALA D 32 -30.93 1.82 -10.62
N GLY D 33 -32.06 1.49 -9.98
CA GLY D 33 -32.95 0.46 -10.50
C GLY D 33 -33.05 -0.83 -9.69
N ALA D 34 -32.21 -0.97 -8.68
CA ALA D 34 -32.21 -2.21 -7.89
C ALA D 34 -33.43 -2.30 -6.98
N ARG D 35 -33.87 -3.53 -6.71
CA ARG D 35 -34.79 -3.77 -5.61
C ARG D 35 -33.92 -3.83 -4.36
N VAL D 36 -34.30 -3.12 -3.31
CA VAL D 36 -33.41 -3.07 -2.15
C VAL D 36 -33.99 -3.69 -0.87
N ILE D 37 -33.15 -4.42 -0.16
CA ILE D 37 -33.56 -4.97 1.11
C ILE D 37 -32.72 -4.35 2.20
N LEU D 38 -33.38 -3.64 3.10
CA LEU D 38 -32.69 -3.01 4.22
C LEU D 38 -32.60 -3.97 5.40
N ASN D 39 -31.60 -3.77 6.25
CA ASN D 39 -31.44 -4.60 7.43
C ASN D 39 -31.00 -3.80 8.63
N ASP D 40 -31.48 -4.19 9.80
CA ASP D 40 -31.00 -3.68 11.08
C ASP D 40 -31.50 -4.64 12.16
N ILE D 41 -31.01 -4.53 13.39
CA ILE D 41 -31.57 -5.36 14.45
C ILE D 41 -32.87 -4.79 15.00
N ARG D 42 -33.05 -3.49 14.87
CA ARG D 42 -34.28 -2.85 15.33
C ARG D 42 -35.40 -2.91 14.29
N ALA D 43 -36.37 -3.79 14.53
CA ALA D 43 -37.47 -4.04 13.60
C ALA D 43 -38.38 -2.85 13.29
N THR D 44 -38.93 -2.18 14.30
CA THR D 44 -39.86 -1.09 13.98
C THR D 44 -39.15 0.15 13.40
N LEU D 45 -37.91 0.40 13.82
CA LEU D 45 -37.12 1.44 13.19
C LEU D 45 -36.88 1.09 11.73
N LEU D 46 -36.54 -0.18 11.50
CA LEU D 46 -36.31 -0.67 10.14
C LEU D 46 -37.58 -0.49 9.31
N ALA D 47 -38.72 -0.80 9.91
CA ALA D 47 -39.99 -0.66 9.22
C ALA D 47 -40.25 0.80 8.83
N GLU D 48 -39.97 1.71 9.75
CA GLU D 48 -40.09 3.15 9.49
C GLU D 48 -39.21 3.54 8.31
N SER D 49 -37.98 3.00 8.30
CA SER D 49 -37.04 3.27 7.21
C SER D 49 -37.49 2.70 5.87
N VAL D 50 -38.02 1.47 5.87
CA VAL D 50 -38.53 0.86 4.63
C VAL D 50 -39.73 1.63 4.13
N ASP D 51 -40.66 1.89 5.03
CA ASP D 51 -41.89 2.65 4.74
C ASP D 51 -41.56 4.04 4.16
N THR D 52 -40.43 4.60 4.58
CA THR D 52 -39.96 5.88 4.07
C THR D 52 -39.56 5.79 2.59
N LEU D 53 -38.72 4.82 2.24
CA LEU D 53 -38.29 4.62 0.85
C LEU D 53 -39.45 4.27 -0.11
N THR D 54 -40.36 3.42 0.36
CA THR D 54 -41.54 3.04 -0.43
C THR D 54 -42.41 4.24 -0.81
N ARG D 55 -42.48 5.24 0.06
CA ARG D 55 -43.28 6.43 -0.21
C ARG D 55 -42.59 7.39 -1.17
N LYS D 56 -41.28 7.25 -1.30
CA LYS D 56 -40.53 8.01 -2.30
C LYS D 56 -40.59 7.25 -3.63
N GLY D 57 -41.31 6.12 -3.62
CA GLY D 57 -41.53 5.35 -4.82
C GLY D 57 -40.46 4.33 -5.14
N TYR D 58 -39.68 3.93 -4.13
CA TYR D 58 -38.66 2.90 -4.35
C TYR D 58 -39.17 1.51 -3.98
N ASP D 59 -38.56 0.51 -4.62
CA ASP D 59 -38.92 -0.88 -4.38
C ASP D 59 -38.13 -1.37 -3.18
N ALA D 60 -38.60 -1.06 -1.98
CA ALA D 60 -37.82 -1.31 -0.78
C ALA D 60 -38.50 -2.31 0.14
N HIS D 61 -37.68 -3.06 0.88
CA HIS D 61 -38.14 -4.11 1.75
C HIS D 61 -37.16 -4.17 2.92
N GLY D 62 -37.54 -4.83 4.01
CA GLY D 62 -36.67 -4.94 5.16
C GLY D 62 -36.72 -6.30 5.78
N VAL D 63 -35.55 -6.80 6.19
CA VAL D 63 -35.43 -8.04 6.94
C VAL D 63 -34.60 -7.75 8.17
N ALA D 64 -35.17 -7.96 9.35
CA ALA D 64 -34.48 -7.67 10.60
C ALA D 64 -33.71 -8.87 11.11
N PHE D 65 -32.42 -8.67 11.39
CA PHE D 65 -31.59 -9.69 12.02
C PHE D 65 -30.25 -9.17 12.53
N ASP D 66 -29.74 -9.85 13.55
CA ASP D 66 -28.44 -9.56 14.16
C ASP D 66 -27.35 -10.14 13.26
N VAL D 67 -26.43 -9.29 12.80
CA VAL D 67 -25.40 -9.73 11.87
C VAL D 67 -24.25 -10.51 12.54
N THR D 68 -24.33 -10.64 13.86
CA THR D 68 -23.35 -11.42 14.60
C THR D 68 -23.90 -12.81 14.96
N ASP D 69 -25.17 -13.03 14.64
CA ASP D 69 -25.88 -14.26 15.00
C ASP D 69 -26.06 -15.12 13.75
N GLU D 70 -25.24 -16.17 13.61
CA GLU D 70 -25.25 -16.97 12.38
C GLU D 70 -26.58 -17.69 12.17
N LEU D 71 -27.25 -18.04 13.27
CA LEU D 71 -28.56 -18.68 13.15
C LEU D 71 -29.59 -17.72 12.58
N ALA D 72 -29.53 -16.46 13.01
CA ALA D 72 -30.48 -15.43 12.56
C ALA D 72 -30.27 -15.09 11.08
N ILE D 73 -29.01 -15.00 10.68
CA ILE D 73 -28.64 -14.69 9.30
C ILE D 73 -29.16 -15.75 8.33
N GLU D 74 -28.91 -17.02 8.65
CA GLU D 74 -29.42 -18.11 7.83
C GLU D 74 -30.94 -18.11 7.77
N ALA D 75 -31.58 -17.88 8.92
CA ALA D 75 -33.03 -17.81 9.00
C ALA D 75 -33.56 -16.81 7.98
N ALA D 76 -32.93 -15.65 7.93
CA ALA D 76 -33.28 -14.61 6.98
C ALA D 76 -33.09 -15.08 5.54
N PHE D 77 -31.92 -15.63 5.22
CA PHE D 77 -31.69 -16.16 3.89
C PHE D 77 -32.55 -17.39 3.57
N SER D 78 -32.51 -18.40 4.45
CA SER D 78 -33.33 -19.61 4.28
C SER D 78 -34.77 -19.22 4.01
N LYS D 79 -35.21 -18.17 4.69
CA LYS D 79 -36.50 -17.55 4.41
C LYS D 79 -36.54 -17.04 2.97
N LEU D 80 -35.74 -16.01 2.67
CA LEU D 80 -35.66 -15.45 1.30
C LEU D 80 -35.54 -16.58 0.27
N ASP D 81 -34.71 -17.56 0.61
CA ASP D 81 -34.57 -18.79 -0.16
C ASP D 81 -35.90 -19.48 -0.37
N ALA D 82 -36.69 -19.55 0.70
CA ALA D 82 -37.99 -20.22 0.65
C ALA D 82 -38.95 -19.45 -0.24
N GLU D 83 -38.93 -18.14 -0.13
CA GLU D 83 -39.61 -17.31 -1.10
C GLU D 83 -38.74 -17.29 -2.36
N GLY D 84 -39.11 -16.48 -3.36
CA GLY D 84 -38.32 -16.41 -4.58
C GLY D 84 -37.34 -15.24 -4.67
N ILE D 85 -36.53 -15.06 -3.63
CA ILE D 85 -35.65 -13.89 -3.59
C ILE D 85 -34.17 -14.22 -3.71
N HIS D 86 -33.55 -13.65 -4.75
CA HIS D 86 -32.13 -13.83 -4.99
C HIS D 86 -31.37 -12.54 -4.67
N VAL D 87 -30.50 -12.59 -3.67
CA VAL D 87 -29.62 -11.46 -3.37
C VAL D 87 -28.44 -11.46 -4.34
N ASP D 88 -28.42 -10.49 -5.26
CA ASP D 88 -27.40 -10.39 -6.28
C ASP D 88 -26.28 -9.43 -5.88
N ILE D 89 -26.64 -8.47 -5.02
CA ILE D 89 -25.70 -7.47 -4.52
C ILE D 89 -25.79 -7.47 -3.01
N LEU D 90 -24.64 -7.51 -2.33
CA LEU D 90 -24.60 -7.42 -0.89
C LEU D 90 -23.68 -6.29 -0.47
N ILE D 91 -24.19 -5.37 0.34
CA ILE D 91 -23.31 -4.40 0.96
C ILE D 91 -23.24 -4.66 2.45
N ASN D 92 -22.04 -4.95 2.94
CA ASN D 92 -21.82 -5.21 4.35
C ASN D 92 -21.45 -3.94 5.11
N ASN D 93 -22.47 -3.17 5.49
CA ASN D 93 -22.26 -1.88 6.13
C ASN D 93 -22.36 -1.95 7.66
N ALA D 94 -22.87 -3.06 8.17
CA ALA D 94 -23.06 -3.24 9.61
C ALA D 94 -21.74 -3.10 10.37
N GLY D 95 -21.82 -2.60 11.60
CA GLY D 95 -20.64 -2.44 12.43
C GLY D 95 -20.80 -1.26 13.38
N ILE D 96 -20.18 -1.34 14.55
CA ILE D 96 -20.27 -0.26 15.54
C ILE D 96 -18.91 0.36 15.78
N GLN D 97 -18.92 1.50 16.48
CA GLN D 97 -17.69 2.18 16.88
C GLN D 97 -17.56 2.11 18.40
N TYR D 98 -16.34 2.12 18.91
CA TYR D 98 -16.12 2.26 20.34
C TYR D 98 -14.83 3.00 20.61
N ARG D 99 -14.95 4.18 21.22
CA ARG D 99 -13.78 5.02 21.46
C ARG D 99 -13.22 4.82 22.87
N LYS D 100 -11.96 4.39 22.95
CA LYS D 100 -11.32 4.08 24.22
C LYS D 100 -9.85 3.68 23.99
N PRO D 101 -8.91 4.34 24.71
CA PRO D 101 -7.50 3.96 24.60
C PRO D 101 -7.30 2.49 24.94
N MET D 102 -6.42 1.81 24.21
CA MET D 102 -6.23 0.38 24.41
C MET D 102 -5.90 -0.03 25.83
N VAL D 103 -5.10 0.75 26.54
CA VAL D 103 -4.79 0.43 27.94
C VAL D 103 -6.02 0.45 28.84
N GLU D 104 -7.07 1.14 28.41
CA GLU D 104 -8.33 1.21 29.16
C GLU D 104 -9.46 0.38 28.56
N LEU D 105 -9.17 -0.36 27.50
CA LEU D 105 -10.23 -1.03 26.73
C LEU D 105 -10.55 -2.43 27.25
N GLU D 106 -11.80 -2.63 27.62
CA GLU D 106 -12.26 -3.95 28.07
C GLU D 106 -12.39 -4.92 26.90
N LEU D 107 -12.02 -6.18 27.14
CA LEU D 107 -12.02 -7.19 26.08
C LEU D 107 -13.41 -7.32 25.46
N GLU D 108 -14.43 -7.24 26.29
CA GLU D 108 -15.82 -7.35 25.84
C GLU D 108 -16.16 -6.32 24.76
N ASN D 109 -15.62 -5.11 24.90
CA ASN D 109 -15.85 -4.06 23.90
C ASN D 109 -14.98 -4.23 22.66
N TRP D 110 -13.72 -4.63 22.86
CA TRP D 110 -12.86 -4.99 21.73
C TRP D 110 -13.60 -6.05 20.89
N GLN D 111 -14.11 -7.06 21.57
CA GLN D 111 -14.72 -8.21 20.89
C GLN D 111 -16.00 -7.82 20.13
N LYS D 112 -16.79 -6.94 20.73
CA LYS D 112 -18.03 -6.49 20.11
C LYS D 112 -17.75 -5.73 18.81
N VAL D 113 -16.72 -4.87 18.84
CA VAL D 113 -16.31 -4.16 17.64
C VAL D 113 -15.82 -5.12 16.55
N ILE D 114 -14.98 -6.08 16.94
CA ILE D 114 -14.51 -7.10 15.99
C ILE D 114 -15.68 -7.89 15.42
N ASP D 115 -16.55 -8.39 16.28
CA ASP D 115 -17.69 -9.20 15.83
C ASP D 115 -18.60 -8.43 14.89
N THR D 116 -18.95 -7.20 15.25
CA THR D 116 -19.93 -6.44 14.49
C THR D 116 -19.39 -5.91 13.16
N ASN D 117 -18.07 -5.69 13.10
CA ASN D 117 -17.46 -5.13 11.87
C ASN D 117 -16.89 -6.17 10.93
N LEU D 118 -16.16 -7.13 11.48
CA LEU D 118 -15.38 -8.06 10.65
C LEU D 118 -16.04 -9.41 10.51
N THR D 119 -16.41 -10.01 11.63
CA THR D 119 -17.03 -11.34 11.60
C THR D 119 -18.37 -11.30 10.88
N SER D 120 -19.10 -10.21 11.06
CA SER D 120 -20.40 -10.04 10.41
C SER D 120 -20.25 -10.10 8.89
N ALA D 121 -19.21 -9.47 8.37
CA ALA D 121 -19.01 -9.45 6.93
C ALA D 121 -18.73 -10.86 6.43
N PHE D 122 -17.99 -11.64 7.20
CA PHE D 122 -17.76 -13.04 6.86
C PHE D 122 -19.07 -13.84 6.86
N LEU D 123 -19.85 -13.70 7.92
CA LEU D 123 -21.09 -14.47 8.07
C LEU D 123 -22.17 -14.14 7.02
N VAL D 124 -22.44 -12.86 6.80
CA VAL D 124 -23.48 -12.51 5.83
C VAL D 124 -23.03 -12.88 4.40
N SER D 125 -21.78 -12.58 4.08
CA SER D 125 -21.23 -12.92 2.77
C SER D 125 -21.26 -14.43 2.49
N ARG D 126 -21.00 -15.23 3.53
CA ARG D 126 -21.00 -16.69 3.40
C ARG D 126 -22.34 -17.19 2.89
N SER D 127 -23.41 -16.76 3.54
CA SER D 127 -24.76 -17.12 3.13
C SER D 127 -25.10 -16.63 1.73
N ALA D 128 -24.72 -15.39 1.44
CA ALA D 128 -25.02 -14.79 0.13
C ALA D 128 -24.23 -15.46 -1.00
N ALA D 129 -22.93 -15.65 -0.79
CA ALA D 129 -22.07 -16.23 -1.83
C ALA D 129 -22.43 -17.67 -2.16
N LYS D 130 -22.78 -18.46 -1.15
CA LYS D 130 -23.21 -19.85 -1.37
C LYS D 130 -24.33 -19.90 -2.41
N ARG D 131 -25.25 -18.95 -2.31
CA ARG D 131 -26.40 -18.89 -3.21
C ARG D 131 -26.03 -18.34 -4.58
N MET D 132 -25.19 -17.32 -4.61
CA MET D 132 -24.72 -16.78 -5.88
C MET D 132 -24.01 -17.87 -6.68
N ILE D 133 -23.15 -18.62 -5.97
CA ILE D 133 -22.40 -19.71 -6.58
C ILE D 133 -23.36 -20.80 -7.11
N ALA D 134 -24.31 -21.22 -6.28
CA ALA D 134 -25.25 -22.26 -6.67
C ALA D 134 -26.05 -21.85 -7.91
N ARG D 135 -26.51 -20.60 -7.94
CA ARG D 135 -27.26 -20.08 -9.08
C ARG D 135 -26.41 -19.90 -10.32
N ASN D 136 -25.12 -19.66 -10.13
CA ASN D 136 -24.21 -19.32 -11.22
C ASN D 136 -24.68 -18.12 -12.04
N SER D 137 -25.15 -17.08 -11.36
CA SER D 137 -25.62 -15.87 -12.02
C SER D 137 -24.72 -14.68 -11.72
N GLY D 138 -23.54 -14.95 -11.19
CA GLY D 138 -22.64 -13.89 -10.77
C GLY D 138 -23.13 -13.23 -9.50
N GLY D 139 -22.37 -12.28 -8.99
CA GLY D 139 -22.80 -11.53 -7.82
C GLY D 139 -21.87 -10.35 -7.58
N LYS D 140 -22.29 -9.46 -6.70
CA LYS D 140 -21.45 -8.33 -6.29
C LYS D 140 -21.46 -8.26 -4.77
N ILE D 141 -20.29 -8.15 -4.16
CA ILE D 141 -20.24 -7.97 -2.71
C ILE D 141 -19.40 -6.75 -2.41
N ILE D 142 -19.93 -5.82 -1.62
CA ILE D 142 -19.19 -4.63 -1.26
C ILE D 142 -19.02 -4.57 0.27
N ASN D 143 -17.78 -4.62 0.73
CA ASN D 143 -17.50 -4.47 2.14
C ASN D 143 -17.23 -3.00 2.45
N ILE D 144 -17.50 -2.58 3.67
CA ILE D 144 -17.27 -1.19 4.03
C ILE D 144 -16.05 -1.11 4.91
N GLY D 145 -14.99 -0.49 4.38
CA GLY D 145 -13.78 -0.28 5.13
C GLY D 145 -13.86 1.09 5.78
N SER D 146 -12.74 1.79 5.80
CA SER D 146 -12.63 3.08 6.46
C SER D 146 -11.27 3.63 6.09
N LEU D 147 -11.03 4.92 6.32
CA LEU D 147 -9.67 5.40 6.18
C LEU D 147 -8.76 4.63 7.14
N THR D 148 -9.33 4.07 8.21
CA THR D 148 -8.52 3.27 9.14
C THR D 148 -8.16 1.89 8.58
N SER D 149 -8.63 1.57 7.38
CA SER D 149 -8.15 0.38 6.66
C SER D 149 -6.71 0.58 6.21
N GLN D 150 -6.26 1.82 6.24
CA GLN D 150 -4.90 2.17 5.77
C GLN D 150 -4.05 2.92 6.80
N ALA D 151 -4.68 3.81 7.57
CA ALA D 151 -3.95 4.59 8.59
C ALA D 151 -4.77 4.71 9.87
N ALA D 152 -4.11 4.61 11.01
CA ALA D 152 -4.80 4.54 12.29
C ALA D 152 -5.13 5.88 12.96
N ARG D 153 -6.13 5.83 13.83
CA ARG D 153 -6.52 6.95 14.69
C ARG D 153 -6.43 6.47 16.12
N PRO D 154 -5.89 7.30 17.03
CA PRO D 154 -5.84 6.86 18.43
C PRO D 154 -7.26 6.73 18.99
N THR D 155 -7.43 5.87 19.99
CA THR D 155 -8.69 5.58 20.69
C THR D 155 -9.68 4.70 19.91
N VAL D 156 -9.39 4.37 18.66
CA VAL D 156 -10.30 3.47 17.94
C VAL D 156 -9.59 2.25 17.38
N ALA D 157 -8.78 1.61 18.22
CA ALA D 157 -8.00 0.46 17.79
C ALA D 157 -8.78 -0.78 17.35
N PRO D 158 -9.84 -1.19 18.08
CA PRO D 158 -10.49 -2.40 17.56
C PRO D 158 -11.17 -2.12 16.22
N TYR D 159 -11.70 -0.90 16.05
CA TYR D 159 -12.32 -0.53 14.79
C TYR D 159 -11.27 -0.53 13.67
N THR D 160 -10.09 0.01 13.97
CA THR D 160 -9.01 0.08 13.00
C THR D 160 -8.56 -1.32 12.61
N ALA D 161 -8.36 -2.17 13.60
CA ALA D 161 -7.97 -3.56 13.34
C ALA D 161 -9.04 -4.26 12.49
N ALA D 162 -10.31 -4.09 12.87
CA ALA D 162 -11.41 -4.70 12.10
C ALA D 162 -11.45 -4.21 10.65
N LYS D 163 -11.22 -2.91 10.46
CA LYS D 163 -11.26 -2.31 9.11
C LYS D 163 -10.04 -2.70 8.26
N GLY D 164 -8.90 -2.87 8.91
CA GLY D 164 -7.75 -3.48 8.27
C GLY D 164 -8.08 -4.93 7.89
N GLY D 165 -8.77 -5.63 8.78
CA GLY D 165 -9.20 -6.99 8.50
C GLY D 165 -10.18 -7.04 7.34
N ILE D 166 -11.08 -6.07 7.30
CA ILE D 166 -12.06 -5.99 6.19
C ILE D 166 -11.36 -5.82 4.84
N LYS D 167 -10.34 -4.98 4.80
CA LYS D 167 -9.62 -4.74 3.56
C LYS D 167 -9.03 -6.05 3.02
N MET D 168 -8.43 -6.84 3.90
CA MET D 168 -7.86 -8.11 3.47
C MET D 168 -8.93 -9.18 3.27
N LEU D 169 -10.03 -9.10 4.02
CA LEU D 169 -11.11 -10.09 3.83
C LEU D 169 -11.67 -9.93 2.42
N THR D 170 -11.71 -8.69 1.96
CA THR D 170 -12.16 -8.37 0.60
C THR D 170 -11.26 -9.05 -0.44
N CYS D 171 -9.96 -9.02 -0.20
CA CYS D 171 -9.01 -9.73 -1.07
C CYS D 171 -9.25 -11.24 -1.05
N SER D 172 -9.55 -11.79 0.12
CA SER D 172 -9.86 -13.23 0.20
C SER D 172 -11.11 -13.60 -0.58
N MET D 173 -12.11 -12.73 -0.53
CA MET D 173 -13.35 -13.01 -1.25
C MET D 173 -13.13 -12.96 -2.76
N ALA D 174 -12.30 -12.03 -3.20
CA ALA D 174 -11.89 -12.01 -4.61
C ALA D 174 -11.16 -13.32 -4.92
N ALA D 175 -10.19 -13.65 -4.08
CA ALA D 175 -9.35 -14.83 -4.28
C ALA D 175 -10.16 -16.12 -4.41
N GLU D 176 -11.19 -16.26 -3.58
CA GLU D 176 -11.96 -17.50 -3.59
C GLU D 176 -13.16 -17.49 -4.55
N TRP D 177 -13.75 -16.32 -4.78
CA TRP D 177 -15.02 -16.27 -5.51
C TRP D 177 -15.02 -15.60 -6.89
N ALA D 178 -13.90 -15.00 -7.28
CA ALA D 178 -13.84 -14.38 -8.61
C ALA D 178 -14.11 -15.40 -9.72
N GLN D 179 -13.75 -16.65 -9.46
CA GLN D 179 -13.91 -17.71 -10.46
C GLN D 179 -15.39 -18.04 -10.69
N PHE D 180 -16.26 -17.58 -9.81
CA PHE D 180 -17.70 -17.82 -9.95
C PHE D 180 -18.39 -16.56 -10.47
N ASN D 181 -17.60 -15.67 -11.06
CA ASN D 181 -18.08 -14.37 -11.52
C ASN D 181 -18.73 -13.56 -10.38
N ILE D 182 -18.14 -13.63 -9.20
CA ILE D 182 -18.53 -12.72 -8.12
C ILE D 182 -17.41 -11.70 -7.94
N GLN D 183 -17.76 -10.41 -7.94
CA GLN D 183 -16.78 -9.38 -7.65
C GLN D 183 -17.00 -8.85 -6.25
N THR D 184 -15.95 -8.92 -5.44
CA THR D 184 -16.00 -8.40 -4.08
C THR D 184 -14.98 -7.29 -4.00
N ASN D 185 -15.45 -6.12 -3.58
CA ASN D 185 -14.60 -4.94 -3.45
C ASN D 185 -15.03 -4.19 -2.21
N ALA D 186 -14.38 -3.08 -1.93
CA ALA D 186 -14.70 -2.32 -0.71
C ALA D 186 -14.75 -0.83 -0.97
N ILE D 187 -15.51 -0.14 -0.13
CA ILE D 187 -15.53 1.31 -0.13
C ILE D 187 -14.92 1.75 1.19
N GLY D 188 -14.02 2.73 1.12
CA GLY D 188 -13.44 3.30 2.32
C GLY D 188 -13.85 4.76 2.47
N PRO D 189 -14.96 5.02 3.17
CA PRO D 189 -15.45 6.40 3.31
C PRO D 189 -14.51 7.24 4.16
N GLY D 190 -14.29 8.48 3.73
CA GLY D 190 -13.54 9.42 4.54
C GLY D 190 -14.45 10.02 5.58
N TYR D 191 -14.25 11.30 5.88
CA TYR D 191 -15.11 11.99 6.84
C TYR D 191 -16.32 12.60 6.15
N ILE D 192 -17.48 12.03 6.45
CA ILE D 192 -18.71 12.34 5.72
C ILE D 192 -19.73 12.98 6.67
N LEU D 193 -20.47 13.96 6.15
CA LEU D 193 -21.54 14.61 6.91
C LEU D 193 -22.69 13.64 7.19
N THR D 194 -22.68 12.97 8.34
CA THR D 194 -23.77 12.08 8.73
C THR D 194 -24.17 12.29 10.18
N ASP D 195 -25.32 11.74 10.56
CA ASP D 195 -25.79 11.76 11.95
C ASP D 195 -24.74 11.18 12.88
N MET D 196 -24.16 10.05 12.48
CA MET D 196 -23.15 9.35 13.29
C MET D 196 -21.88 10.20 13.54
N ASN D 197 -21.67 11.21 12.72
CA ASN D 197 -20.54 12.13 12.90
C ASN D 197 -20.91 13.50 13.48
N THR D 198 -22.11 13.62 14.06
CA THR D 198 -22.59 14.93 14.53
C THR D 198 -21.66 15.58 15.54
N ALA D 199 -21.22 14.81 16.52
CA ALA D 199 -20.30 15.29 17.53
C ALA D 199 -19.04 15.83 16.85
N LEU D 200 -18.45 15.00 16.01
CA LEU D 200 -17.29 15.39 15.20
C LEU D 200 -17.52 16.69 14.41
N ILE D 201 -18.61 16.72 13.64
CA ILE D 201 -18.92 17.84 12.75
C ILE D 201 -19.05 19.18 13.48
N GLU D 202 -19.81 19.20 14.57
CA GLU D 202 -20.11 20.48 15.22
C GLU D 202 -19.02 20.97 16.19
N ASP D 203 -17.92 20.23 16.29
CA ASP D 203 -16.73 20.67 17.03
C ASP D 203 -15.82 21.49 16.10
N LYS D 204 -15.52 22.73 16.49
CA LYS D 204 -14.71 23.62 15.65
C LYS D 204 -13.29 23.10 15.39
N GLN D 205 -12.62 22.62 16.44
CA GLN D 205 -11.26 22.06 16.30
C GLN D 205 -11.25 20.87 15.35
N PHE D 206 -12.19 19.96 15.55
CA PHE D 206 -12.24 18.76 14.71
C PHE D 206 -12.61 19.11 13.28
N ASP D 207 -13.56 20.02 13.10
CA ASP D 207 -13.94 20.45 11.75
C ASP D 207 -12.73 21.04 11.04
N SER D 208 -12.02 21.91 11.76
CA SER D 208 -10.79 22.50 11.26
C SER D 208 -9.74 21.44 10.86
N TRP D 209 -9.61 20.41 11.67
CA TRP D 209 -8.58 19.39 11.41
C TRP D 209 -8.96 18.52 10.20
N VAL D 210 -10.25 18.26 10.03
CA VAL D 210 -10.72 17.55 8.84
C VAL D 210 -10.37 18.36 7.60
N LYS D 211 -10.72 19.65 7.63
CA LYS D 211 -10.56 20.50 6.46
C LYS D 211 -9.10 20.79 6.10
N SER D 212 -8.21 20.71 7.08
CA SER D 212 -6.78 20.87 6.81
C SER D 212 -6.13 19.55 6.42
N SER D 213 -6.84 18.44 6.60
CA SER D 213 -6.24 17.13 6.36
C SER D 213 -6.61 16.55 5.01
N THR D 214 -7.69 17.06 4.43
CA THR D 214 -8.06 16.62 3.08
C THR D 214 -7.94 17.83 2.16
N PRO D 215 -7.31 17.63 1.00
CA PRO D 215 -7.03 18.75 0.08
C PRO D 215 -8.30 19.35 -0.53
N SER D 216 -9.42 18.63 -0.49
CA SER D 216 -10.68 19.22 -0.91
C SER D 216 -11.16 20.26 0.10
N GLN D 217 -10.58 20.24 1.30
CA GLN D 217 -10.88 21.23 2.35
C GLN D 217 -12.35 21.23 2.75
N ARG D 218 -12.97 20.06 2.81
CA ARG D 218 -14.37 19.96 3.19
C ARG D 218 -14.69 18.51 3.54
N TRP D 219 -15.79 18.33 4.26
CA TRP D 219 -16.34 17.01 4.54
C TRP D 219 -17.03 16.53 3.27
N GLY D 220 -17.15 15.22 3.12
CA GLY D 220 -17.93 14.66 2.04
C GLY D 220 -19.40 14.65 2.41
N ARG D 221 -20.26 14.52 1.40
CA ARG D 221 -21.69 14.38 1.64
C ARG D 221 -22.10 12.94 1.38
N PRO D 222 -23.14 12.46 2.08
CA PRO D 222 -23.60 11.08 1.92
C PRO D 222 -23.85 10.68 0.47
N GLU D 223 -24.49 11.51 -0.33
CA GLU D 223 -24.71 11.13 -1.74
C GLU D 223 -23.43 11.08 -2.57
N GLU D 224 -22.30 11.53 -2.02
CA GLU D 224 -21.03 11.43 -2.74
C GLU D 224 -20.42 10.04 -2.58
N LEU D 225 -21.10 9.16 -1.84
CA LEU D 225 -20.69 7.77 -1.74
C LEU D 225 -21.51 6.88 -2.67
N ILE D 226 -22.61 7.41 -3.18
CA ILE D 226 -23.58 6.65 -3.97
C ILE D 226 -23.01 6.12 -5.27
N GLY D 227 -22.29 6.96 -5.99
CA GLY D 227 -21.69 6.58 -7.25
C GLY D 227 -20.80 5.37 -7.10
N THR D 228 -19.99 5.36 -6.04
CA THR D 228 -19.07 4.26 -5.82
C THR D 228 -19.84 2.96 -5.58
N ALA D 229 -20.87 3.03 -4.75
CA ALA D 229 -21.70 1.84 -4.48
C ALA D 229 -22.37 1.30 -5.76
N ILE D 230 -22.89 2.20 -6.60
CA ILE D 230 -23.52 1.81 -7.86
C ILE D 230 -22.47 1.21 -8.82
N PHE D 231 -21.35 1.91 -8.92
CA PHE D 231 -20.20 1.47 -9.72
C PHE D 231 -19.82 0.03 -9.39
N LEU D 232 -19.60 -0.23 -8.10
CA LEU D 232 -19.19 -1.56 -7.63
C LEU D 232 -20.32 -2.60 -7.64
N SER D 233 -21.55 -2.16 -7.87
CA SER D 233 -22.68 -3.10 -7.96
C SER D 233 -23.05 -3.43 -9.40
N SER D 234 -22.46 -2.72 -10.36
CA SER D 234 -22.95 -2.77 -11.74
C SER D 234 -21.96 -3.42 -12.67
N LYS D 235 -22.35 -3.57 -13.92
CA LYS D 235 -21.48 -4.20 -14.92
C LYS D 235 -20.15 -3.47 -15.08
N ALA D 236 -20.11 -2.19 -14.68
CA ALA D 236 -18.91 -1.38 -14.79
C ALA D 236 -17.75 -1.98 -14.00
N SER D 237 -18.08 -2.79 -13.00
CA SER D 237 -17.06 -3.39 -12.14
C SER D 237 -16.80 -4.88 -12.40
N ASP D 238 -17.23 -5.41 -13.55
CA ASP D 238 -17.08 -6.85 -13.79
C ASP D 238 -15.63 -7.39 -13.74
N TYR D 239 -14.65 -6.57 -14.11
CA TYR D 239 -13.24 -6.98 -14.01
C TYR D 239 -12.52 -6.25 -12.87
N ILE D 240 -13.26 -5.77 -11.88
CA ILE D 240 -12.65 -5.21 -10.67
C ILE D 240 -12.89 -6.17 -9.52
N ASN D 241 -11.84 -6.53 -8.80
CA ASN D 241 -12.00 -7.54 -7.76
C ASN D 241 -10.93 -7.37 -6.70
N GLY D 242 -11.36 -7.35 -5.44
CA GLY D 242 -10.42 -7.27 -4.33
C GLY D 242 -9.89 -5.87 -4.06
N GLN D 243 -10.52 -4.86 -4.64
CA GLN D 243 -10.06 -3.47 -4.50
C GLN D 243 -10.84 -2.69 -3.44
N ILE D 244 -10.16 -1.75 -2.79
CA ILE D 244 -10.85 -0.80 -1.92
C ILE D 244 -10.70 0.60 -2.51
N ILE D 245 -11.82 1.28 -2.66
CA ILE D 245 -11.81 2.63 -3.21
C ILE D 245 -12.07 3.60 -2.06
N TYR D 246 -11.13 4.50 -1.81
CA TYR D 246 -11.32 5.48 -0.75
C TYR D 246 -11.99 6.70 -1.31
N VAL D 247 -13.00 7.19 -0.59
CA VAL D 247 -13.77 8.36 -1.01
C VAL D 247 -13.57 9.38 0.09
N ASP D 248 -12.50 10.17 -0.01
CA ASP D 248 -12.05 10.97 1.13
C ASP D 248 -11.59 12.38 0.77
N GLY D 249 -11.90 12.79 -0.46
CA GLY D 249 -11.56 14.13 -0.90
C GLY D 249 -10.07 14.30 -1.14
N GLY D 250 -9.31 13.22 -0.91
CA GLY D 250 -7.88 13.23 -1.13
C GLY D 250 -7.03 13.07 0.13
N TRP D 251 -7.69 12.79 1.24
CA TRP D 251 -7.02 12.71 2.54
C TRP D 251 -5.80 11.80 2.50
N LEU D 252 -6.01 10.53 2.15
CA LEU D 252 -4.92 9.56 2.18
C LEU D 252 -3.81 9.90 1.20
N ALA D 253 -4.12 10.67 0.16
CA ALA D 253 -3.14 11.03 -0.86
C ALA D 253 -2.12 12.06 -0.38
N VAL D 254 -2.45 12.76 0.70
CA VAL D 254 -1.65 13.91 1.13
C VAL D 254 -0.91 13.61 2.44
N LEU D 255 0.38 13.92 2.45
CA LEU D 255 1.22 13.63 3.61
C LEU D 255 0.79 14.45 4.81
C1 EDO E . 9.99 15.44 2.66
O1 EDO E . 9.27 16.33 1.80
C2 EDO E . 9.07 14.33 3.13
O2 EDO E . 9.82 13.38 3.91
CL CL F . 10.36 26.63 -12.21
C1 GOL G . 2.68 -16.81 3.61
O1 GOL G . 3.52 -15.89 4.30
C2 GOL G . 2.00 -17.73 4.60
O2 GOL G . 1.83 -17.05 5.84
C3 GOL G . 0.63 -18.16 4.07
O3 GOL G . 0.05 -19.05 5.00
CL CL H . 4.36 28.13 -26.26
CL CL I . 18.14 -0.76 -24.94
C1 EDO J . 1.46 -4.69 -16.81
O1 EDO J . 2.16 -4.58 -18.07
C2 EDO J . -0.01 -4.97 -17.06
O2 EDO J . -0.80 -4.22 -16.11
CL CL K . -13.87 -0.34 27.77
#